data_1UOQ
#
_entry.id   1UOQ
#
_cell.length_a   70.300
_cell.length_b   99.100
_cell.length_c   109.800
_cell.angle_alpha   90.00
_cell.angle_beta   90.00
_cell.angle_gamma   90.00
#
_symmetry.space_group_name_H-M   'P 21 21 21'
#
loop_
_entity.id
_entity.type
_entity.pdbx_description
1 polymer 'PROLYL ENDOPEPTIDASE'
2 polymer 'PEPTIDE LIGAND GLU-PHE-SER-PRO'
3 non-polymer GLYCEROL
4 water water
#
loop_
_entity_poly.entity_id
_entity_poly.type
_entity_poly.pdbx_seq_one_letter_code
_entity_poly.pdbx_strand_id
1 'polypeptide(L)'
;MLSFQYPDVYRDETAIQDYHGHKVCDPYAWLEDPDSEQTKAFVEAQNKITVPFLEQCPIRGLYKERMTELYDYPKYSCHF
KKGKRYFYFYNTGLQNQRVLYVQDSLEGEARVFLDPNILSDDGTVALRGYAFSEDGEYFAYGLSASGSDWVTIKFMKVDG
AKELPDVLERVKFSCMAWTHDGKGMFYNAYPQQDGKSDGTETSTNLHQKLYYHVLGTDQSEDILCAEFPDEPKWMGGAEL
SDDGRYVLLSIREGCDPVNRLWYCDLQQESNGITGILKWVKLIDNFEGEYDYVTNEGTVFTFKTNRHSPNYRLINIDFTD
PEESKWKVLVPEHEKDVLEWVACVRSNFLVLCYLHDVKNTLQLHDLATGALLKIFPLEVGSVVGYSGQKKDTEIFYQFTS
FLSPGIIYHCDLTKEELEPRVFREVTVKGIDASDYQTVQIFYPSKDGTKIPMFIVHKKGIKLDGSHPAFLYGYGGFNISI
TPNYSVSRLIFVRHMGGVLAVANIRGGGEYGETWHKGGILANKQNCFDDFQCAAEYLIKEGYTSPKRLTINGGANGGLLV
ATCANQRPDLFGCVIAQVGVMDMLKFHKYTIGHAWTTDYGCSDSKQHFEWLIKYSPLHNVKLPEADDIQYPSMLLLTADH
DDRVVPLHSLKFIATLQYIVGRSRKQNNPLLIHVDTKAGHGAGKPTAKVIEEVSDMFAFIARCLNIDWIP
;
A
2 'polypeptide(L)' EFSP B
#
# COMPACT_ATOMS: atom_id res chain seq x y z
N MET A 1 -17.75 -10.27 -31.16
CA MET A 1 -17.45 -10.66 -29.74
C MET A 1 -18.09 -9.65 -28.75
N LEU A 2 -18.40 -8.43 -29.22
CA LEU A 2 -18.99 -7.43 -28.33
C LEU A 2 -20.50 -7.32 -28.52
N SER A 3 -21.14 -8.19 -27.77
CA SER A 3 -22.56 -8.48 -27.72
C SER A 3 -23.33 -7.47 -26.86
N PHE A 4 -22.81 -6.25 -26.72
CA PHE A 4 -23.45 -5.24 -25.88
C PHE A 4 -23.32 -3.83 -26.53
N GLN A 5 -24.00 -2.86 -25.95
CA GLN A 5 -23.92 -1.47 -26.39
C GLN A 5 -23.40 -0.70 -25.17
N TYR A 6 -22.48 0.24 -25.40
CA TYR A 6 -22.08 1.09 -24.29
C TYR A 6 -23.31 1.95 -23.90
N PRO A 7 -23.55 2.22 -22.62
CA PRO A 7 -24.66 3.10 -22.28
C PRO A 7 -24.40 4.54 -22.71
N ASP A 8 -25.53 5.19 -22.89
CA ASP A 8 -25.56 6.57 -23.34
C ASP A 8 -25.28 7.35 -22.12
N VAL A 9 -24.34 8.29 -22.15
CA VAL A 9 -23.93 8.97 -20.93
C VAL A 9 -23.94 10.46 -21.27
N TYR A 10 -24.68 11.24 -20.48
CA TYR A 10 -24.87 12.64 -20.76
C TYR A 10 -23.50 13.35 -20.70
N ARG A 11 -23.24 14.20 -21.70
CA ARG A 11 -22.10 15.12 -21.66
C ARG A 11 -22.51 16.58 -21.31
N ASP A 12 -21.95 17.13 -20.21
CA ASP A 12 -22.24 18.47 -19.80
C ASP A 12 -21.24 19.38 -20.52
N GLU A 13 -21.61 19.82 -21.72
CA GLU A 13 -20.68 20.61 -22.58
C GLU A 13 -20.42 22.02 -22.05
N THR A 14 -21.08 22.40 -20.95
CA THR A 14 -20.83 23.71 -20.37
C THR A 14 -19.76 23.67 -19.27
N ALA A 15 -19.35 22.46 -18.86
CA ALA A 15 -18.38 22.32 -17.76
C ALA A 15 -16.97 22.60 -18.31
N ILE A 16 -16.60 23.88 -18.27
CA ILE A 16 -15.34 24.38 -18.83
C ILE A 16 -14.65 25.14 -17.71
N GLN A 17 -13.40 24.76 -17.46
CA GLN A 17 -12.55 25.44 -16.48
C GLN A 17 -11.27 25.99 -17.15
N ASP A 18 -10.91 27.20 -16.78
CA ASP A 18 -9.68 27.78 -17.25
C ASP A 18 -8.55 27.40 -16.27
N TYR A 19 -7.53 26.69 -16.76
CA TYR A 19 -6.33 26.50 -15.93
C TYR A 19 -5.17 27.37 -16.48
N HIS A 20 -4.88 28.50 -15.85
CA HIS A 20 -3.72 29.28 -16.26
C HIS A 20 -3.81 29.65 -17.74
N GLY A 21 -5.03 29.91 -18.21
CA GLY A 21 -5.23 30.22 -19.60
C GLY A 21 -5.62 29.10 -20.56
N HIS A 22 -5.50 27.83 -20.15
CA HIS A 22 -5.77 26.66 -20.99
C HIS A 22 -7.23 26.20 -20.62
N LYS A 23 -8.12 26.12 -21.59
CA LYS A 23 -9.52 25.76 -21.27
C LYS A 23 -9.64 24.23 -21.25
N VAL A 24 -10.16 23.68 -20.16
CA VAL A 24 -10.26 22.23 -20.08
C VAL A 24 -11.78 21.96 -19.97
N CYS A 25 -12.32 21.13 -20.86
CA CYS A 25 -13.71 20.64 -20.74
C CYS A 25 -13.80 19.40 -19.86
N ASP A 26 -14.82 19.32 -19.04
CA ASP A 26 -14.98 18.16 -18.12
C ASP A 26 -16.44 17.66 -18.14
N PRO A 27 -16.86 17.12 -19.30
CA PRO A 27 -18.30 16.90 -19.56
C PRO A 27 -18.91 15.84 -18.63
N TYR A 28 -18.06 15.05 -17.98
CA TYR A 28 -18.56 14.07 -17.00
C TYR A 28 -18.34 14.49 -15.54
N ALA A 29 -18.11 15.77 -15.31
CA ALA A 29 -17.94 16.27 -13.94
C ALA A 29 -19.07 15.82 -12.99
N TRP A 30 -20.26 15.62 -13.50
CA TRP A 30 -21.38 15.20 -12.65
C TRP A 30 -21.20 13.84 -11.97
N LEU A 31 -20.33 13.00 -12.54
CA LEU A 31 -19.99 11.74 -11.89
C LEU A 31 -19.18 11.90 -10.58
N GLU A 32 -18.76 13.11 -10.27
CA GLU A 32 -18.06 13.42 -8.99
C GLU A 32 -19.00 13.25 -7.79
N ASP A 33 -20.31 13.29 -8.05
CA ASP A 33 -21.33 13.16 -7.02
C ASP A 33 -21.75 11.70 -6.85
N PRO A 34 -21.23 11.04 -5.82
CA PRO A 34 -21.50 9.63 -5.60
C PRO A 34 -22.91 9.30 -5.14
N ASP A 35 -23.61 10.28 -4.64
CA ASP A 35 -24.93 10.08 -4.13
C ASP A 35 -26.06 10.35 -5.09
N SER A 36 -25.78 10.99 -6.23
CA SER A 36 -26.89 11.30 -7.19
C SER A 36 -27.47 10.04 -7.82
N GLU A 37 -28.77 10.10 -8.12
CA GLU A 37 -29.42 9.09 -8.94
C GLU A 37 -28.73 8.88 -10.23
N GLN A 38 -28.28 9.99 -10.88
CA GLN A 38 -27.59 9.91 -12.20
C GLN A 38 -26.31 9.03 -12.06
N THR A 39 -25.51 9.32 -11.05
CA THR A 39 -24.27 8.54 -10.86
C THR A 39 -24.53 7.04 -10.54
N LYS A 40 -25.40 6.77 -9.58
CA LYS A 40 -25.82 5.40 -9.34
C LYS A 40 -26.36 4.74 -10.62
N ALA A 41 -27.14 5.46 -11.40
CA ALA A 41 -27.68 4.83 -12.64
C ALA A 41 -26.56 4.49 -13.65
N PHE A 42 -25.54 5.33 -13.78
CA PHE A 42 -24.39 5.08 -14.66
C PHE A 42 -23.62 3.84 -14.17
N VAL A 43 -23.35 3.78 -12.87
CA VAL A 43 -22.64 2.61 -12.28
C VAL A 43 -23.43 1.32 -12.58
N GLU A 44 -24.75 1.34 -12.35
CA GLU A 44 -25.58 0.14 -12.63
C GLU A 44 -25.53 -0.25 -14.12
N ALA A 45 -25.62 0.76 -14.98
CA ALA A 45 -25.52 0.52 -16.45
C ALA A 45 -24.17 -0.07 -16.86
N GLN A 46 -23.07 0.37 -16.24
CA GLN A 46 -21.75 -0.16 -16.55
C GLN A 46 -21.59 -1.59 -16.02
N ASN A 47 -21.91 -1.83 -14.74
CA ASN A 47 -21.90 -3.20 -14.18
C ASN A 47 -22.76 -4.21 -14.98
N LYS A 48 -23.87 -3.73 -15.53
CA LYS A 48 -24.76 -4.59 -16.29
C LYS A 48 -24.12 -5.10 -17.56
N ILE A 49 -23.18 -4.39 -18.17
CA ILE A 49 -22.50 -4.97 -19.34
C ILE A 49 -21.17 -5.69 -18.97
N THR A 50 -20.48 -5.16 -17.98
CA THR A 50 -19.26 -5.79 -17.57
C THR A 50 -19.47 -7.18 -16.97
N VAL A 51 -20.40 -7.28 -16.03
CA VAL A 51 -20.56 -8.60 -15.34
C VAL A 51 -20.85 -9.82 -16.30
N PRO A 52 -21.82 -9.74 -17.19
CA PRO A 52 -22.03 -10.85 -18.15
C PRO A 52 -20.83 -11.07 -19.08
N PHE A 53 -20.14 -10.00 -19.48
CA PHE A 53 -18.90 -10.21 -20.24
C PHE A 53 -17.85 -11.09 -19.50
N LEU A 54 -17.57 -10.78 -18.24
CA LEU A 54 -16.60 -11.52 -17.44
C LEU A 54 -17.10 -12.97 -17.12
N GLU A 55 -18.41 -13.12 -16.85
CA GLU A 55 -18.91 -14.45 -16.40
C GLU A 55 -19.19 -15.39 -17.56
N GLN A 56 -19.21 -14.89 -18.79
CA GLN A 56 -19.74 -15.71 -19.90
C GLN A 56 -18.78 -16.81 -20.26
N CYS A 57 -17.51 -16.58 -19.99
CA CYS A 57 -16.57 -17.62 -20.30
C CYS A 57 -16.30 -18.64 -19.19
N PRO A 58 -16.43 -19.94 -19.51
CA PRO A 58 -16.20 -21.04 -18.55
C PRO A 58 -14.84 -20.95 -17.89
N ILE A 59 -13.92 -20.29 -18.58
CA ILE A 59 -12.61 -20.09 -17.99
C ILE A 59 -12.61 -19.40 -16.59
N ARG A 60 -13.46 -18.40 -16.40
CA ARG A 60 -13.57 -17.78 -15.08
C ARG A 60 -13.85 -18.81 -13.96
N GLY A 61 -14.70 -19.81 -14.21
CA GLY A 61 -15.11 -20.74 -13.18
C GLY A 61 -13.95 -21.70 -12.90
N LEU A 62 -13.23 -22.08 -13.97
CA LEU A 62 -12.04 -22.91 -13.84
C LEU A 62 -10.96 -22.14 -13.04
N TYR A 63 -10.82 -20.85 -13.31
CA TYR A 63 -9.83 -20.02 -12.60
C TYR A 63 -10.21 -19.89 -11.08
N LYS A 64 -11.48 -19.58 -10.85
CA LYS A 64 -12.00 -19.48 -9.52
C LYS A 64 -11.89 -20.83 -8.73
N GLU A 65 -12.17 -21.95 -9.38
CA GLU A 65 -12.01 -23.23 -8.69
C GLU A 65 -10.54 -23.43 -8.31
N ARG A 66 -9.66 -23.12 -9.24
CA ARG A 66 -8.27 -23.35 -8.97
C ARG A 66 -7.74 -22.37 -7.90
N MET A 67 -8.20 -21.11 -7.95
CA MET A 67 -7.77 -20.13 -6.97
C MET A 67 -8.26 -20.52 -5.54
N THR A 68 -9.50 -20.95 -5.48
CA THR A 68 -10.07 -21.46 -4.23
C THR A 68 -9.28 -22.68 -3.70
N GLU A 69 -8.88 -23.63 -4.55
CA GLU A 69 -8.06 -24.80 -4.14
C GLU A 69 -6.67 -24.35 -3.67
N LEU A 70 -5.97 -23.54 -4.48
CA LEU A 70 -4.56 -23.23 -4.23
C LEU A 70 -4.35 -22.12 -3.22
N TYR A 71 -5.34 -21.24 -3.03
CA TYR A 71 -5.25 -20.23 -2.00
C TYR A 71 -5.61 -20.75 -0.62
N ASP A 72 -6.13 -21.95 -0.56
CA ASP A 72 -6.57 -22.53 0.71
C ASP A 72 -5.35 -23.16 1.36
N TYR A 73 -4.48 -22.36 1.95
CA TYR A 73 -3.32 -22.87 2.65
C TYR A 73 -3.24 -22.04 3.92
N PRO A 74 -2.69 -22.60 4.99
CA PRO A 74 -2.63 -21.88 6.26
C PRO A 74 -1.73 -20.66 6.17
N LYS A 75 -2.19 -19.52 6.69
CA LYS A 75 -1.45 -18.28 6.57
C LYS A 75 -1.26 -17.81 8.02
N TYR A 76 -0.05 -17.40 8.36
CA TYR A 76 0.26 -16.98 9.75
C TYR A 76 0.99 -15.68 9.71
N SER A 77 0.84 -14.85 10.73
CA SER A 77 1.83 -13.78 11.00
C SER A 77 2.93 -14.29 11.94
N CYS A 78 4.01 -13.50 12.08
CA CYS A 78 4.94 -13.72 13.20
C CYS A 78 4.16 -13.76 14.55
N HIS A 79 4.65 -14.55 15.49
CA HIS A 79 4.31 -14.43 16.89
C HIS A 79 4.87 -13.14 17.40
N PHE A 80 4.23 -12.57 18.42
CA PHE A 80 4.76 -11.40 19.07
C PHE A 80 4.33 -11.48 20.49
N LYS A 81 5.21 -11.06 21.37
CA LYS A 81 4.96 -11.10 22.78
C LYS A 81 4.47 -9.74 23.24
N LYS A 82 3.49 -9.76 24.14
CA LYS A 82 2.94 -8.53 24.77
C LYS A 82 2.63 -8.90 26.22
N GLY A 83 3.37 -8.30 27.15
CA GLY A 83 3.27 -8.64 28.54
C GLY A 83 3.71 -10.08 28.70
N LYS A 84 2.85 -10.88 29.32
CA LYS A 84 3.11 -12.28 29.63
C LYS A 84 2.64 -13.27 28.57
N ARG A 85 2.20 -12.79 27.39
CA ARG A 85 1.44 -13.66 26.50
C ARG A 85 1.97 -13.46 25.13
N TYR A 86 1.83 -14.50 24.30
CA TYR A 86 2.15 -14.36 22.89
C TYR A 86 0.87 -14.29 22.08
N PHE A 87 0.95 -13.54 20.99
CA PHE A 87 -0.15 -13.41 20.01
C PHE A 87 0.37 -13.68 18.61
N TYR A 88 -0.54 -14.12 17.71
CA TYR A 88 -0.22 -14.23 16.28
C TYR A 88 -1.57 -14.22 15.52
N PHE A 89 -1.56 -13.80 14.26
CA PHE A 89 -2.73 -13.95 13.35
C PHE A 89 -2.63 -15.21 12.59
N TYR A 90 -3.78 -15.75 12.22
CA TYR A 90 -3.81 -17.06 11.56
C TYR A 90 -5.10 -17.18 10.77
N ASN A 91 -5.00 -17.75 9.58
CA ASN A 91 -6.14 -18.01 8.71
C ASN A 91 -5.97 -19.44 8.27
N THR A 92 -7.02 -20.27 8.44
CA THR A 92 -6.91 -21.66 8.11
C THR A 92 -6.73 -21.84 6.61
N GLY A 93 -7.19 -20.85 5.84
CA GLY A 93 -6.81 -20.77 4.44
C GLY A 93 -7.76 -19.88 3.76
N LEU A 94 -9.05 -20.21 3.87
CA LEU A 94 -10.05 -19.41 3.22
C LEU A 94 -10.92 -18.54 4.10
N GLN A 95 -10.57 -18.32 5.37
CA GLN A 95 -11.41 -17.37 6.11
C GLN A 95 -11.40 -15.94 5.48
N ASN A 96 -12.51 -15.17 5.55
CA ASN A 96 -12.59 -13.84 5.00
C ASN A 96 -11.52 -12.95 5.64
N GLN A 97 -11.35 -13.07 6.97
CA GLN A 97 -10.34 -12.31 7.72
C GLN A 97 -9.48 -13.18 8.59
N ARG A 98 -8.22 -12.80 8.78
CA ARG A 98 -7.36 -13.57 9.67
C ARG A 98 -7.71 -13.34 11.14
N VAL A 99 -7.43 -14.33 11.99
CA VAL A 99 -7.96 -14.28 13.34
C VAL A 99 -6.75 -14.05 14.27
N LEU A 100 -6.88 -13.18 15.28
CA LEU A 100 -5.82 -13.01 16.32
C LEU A 100 -5.99 -14.07 17.42
N TYR A 101 -4.90 -14.80 17.69
CA TYR A 101 -4.90 -15.89 18.66
C TYR A 101 -3.99 -15.42 19.79
N VAL A 102 -4.10 -16.05 20.95
CA VAL A 102 -3.28 -15.72 22.11
C VAL A 102 -2.83 -17.05 22.78
N GLN A 103 -1.61 -17.09 23.29
CA GLN A 103 -1.21 -18.24 24.10
C GLN A 103 -0.33 -17.79 25.27
N ASP A 104 -0.34 -18.56 26.33
CA ASP A 104 0.41 -18.19 27.53
C ASP A 104 1.90 -18.47 27.38
N SER A 105 2.25 -19.27 26.37
CA SER A 105 3.62 -19.57 26.06
C SER A 105 3.70 -20.22 24.69
N LEU A 106 4.91 -20.43 24.20
CA LEU A 106 5.13 -20.95 22.86
C LEU A 106 4.73 -22.39 22.70
N GLU A 107 4.81 -23.18 23.78
CA GLU A 107 4.38 -24.58 23.75
C GLU A 107 2.92 -24.75 24.24
N GLY A 108 2.28 -23.62 24.57
CA GLY A 108 0.96 -23.64 25.17
C GLY A 108 -0.16 -23.68 24.15
N GLU A 109 -1.34 -24.11 24.61
CA GLU A 109 -2.50 -24.11 23.70
C GLU A 109 -2.96 -22.70 23.34
N ALA A 110 -3.36 -22.54 22.08
CA ALA A 110 -3.77 -21.23 21.58
C ALA A 110 -5.30 -21.08 21.69
N ARG A 111 -5.78 -19.88 22.06
CA ARG A 111 -7.22 -19.59 21.93
C ARG A 111 -7.46 -18.37 21.05
N VAL A 112 -8.66 -18.27 20.54
CA VAL A 112 -9.07 -17.18 19.71
C VAL A 112 -9.18 -16.03 20.70
N PHE A 113 -8.56 -14.91 20.31
CA PHE A 113 -8.57 -13.71 21.10
C PHE A 113 -9.54 -12.68 20.41
N LEU A 114 -9.33 -12.43 19.10
CA LEU A 114 -10.18 -11.53 18.31
C LEU A 114 -10.46 -12.15 16.94
N ASP A 115 -11.71 -12.46 16.70
CA ASP A 115 -12.14 -13.00 15.43
C ASP A 115 -13.04 -12.00 14.68
N PRO A 116 -12.46 -11.21 13.75
CA PRO A 116 -13.25 -10.22 13.04
C PRO A 116 -14.32 -10.87 12.15
N ASN A 117 -14.18 -12.15 11.83
CA ASN A 117 -15.17 -12.79 10.94
C ASN A 117 -16.57 -12.77 11.55
N ILE A 118 -16.67 -12.67 12.86
CA ILE A 118 -17.99 -12.69 13.47
C ILE A 118 -18.66 -11.34 13.50
N LEU A 119 -17.97 -10.31 13.04
CA LEU A 119 -18.47 -8.95 13.08
C LEU A 119 -19.27 -8.59 11.85
N SER A 120 -19.26 -9.44 10.81
CA SER A 120 -20.11 -9.22 9.66
C SER A 120 -20.50 -10.54 8.97
N ASP A 121 -21.60 -10.60 8.25
CA ASP A 121 -21.89 -11.82 7.49
C ASP A 121 -21.00 -12.04 6.30
N ASP A 122 -20.38 -10.98 5.79
CA ASP A 122 -19.65 -11.12 4.53
C ASP A 122 -18.16 -10.81 4.66
N GLY A 123 -17.61 -10.74 5.91
CA GLY A 123 -16.19 -10.44 6.06
C GLY A 123 -15.79 -8.99 5.65
N THR A 124 -16.76 -8.05 5.58
CA THR A 124 -16.41 -6.69 5.24
C THR A 124 -16.21 -5.73 6.46
N VAL A 125 -16.07 -6.28 7.64
CA VAL A 125 -15.60 -5.48 8.77
C VAL A 125 -14.20 -6.05 9.03
N ALA A 126 -13.15 -5.21 9.02
CA ALA A 126 -11.77 -5.67 9.10
C ALA A 126 -11.06 -4.94 10.24
N LEU A 127 -10.06 -5.59 10.83
CA LEU A 127 -9.25 -4.91 11.77
C LEU A 127 -8.32 -3.99 11.01
N ARG A 128 -8.19 -2.75 11.50
CA ARG A 128 -7.28 -1.82 10.83
C ARG A 128 -6.48 -1.05 11.89
N GLY A 129 -5.30 -1.55 12.27
CA GLY A 129 -4.55 -0.89 13.33
C GLY A 129 -4.91 -1.45 14.73
N TYR A 130 -3.92 -1.56 15.60
CA TYR A 130 -4.15 -1.96 17.00
C TYR A 130 -2.97 -1.55 17.89
N ALA A 131 -3.18 -1.50 19.21
CA ALA A 131 -2.08 -1.20 20.11
C ALA A 131 -2.41 -1.82 21.43
N PHE A 132 -1.42 -2.57 21.92
CA PHE A 132 -1.50 -3.12 23.28
C PHE A 132 -0.95 -2.07 24.22
N SER A 133 -1.49 -2.06 25.44
CA SER A 133 -0.92 -1.27 26.50
C SER A 133 0.52 -1.79 26.72
N GLU A 134 1.34 -0.93 27.34
CA GLU A 134 2.70 -1.29 27.58
C GLU A 134 2.87 -2.60 28.36
N ASP A 135 2.03 -2.86 29.34
CA ASP A 135 2.14 -4.14 30.06
C ASP A 135 1.40 -5.32 29.40
N GLY A 136 0.84 -5.12 28.20
CA GLY A 136 0.10 -6.15 27.46
C GLY A 136 -1.28 -6.55 27.99
N GLU A 137 -1.77 -5.84 29.00
CA GLU A 137 -3.04 -6.23 29.63
C GLU A 137 -4.29 -5.64 29.00
N TYR A 138 -4.12 -4.61 28.20
CA TYR A 138 -5.25 -3.95 27.54
C TYR A 138 -4.97 -3.84 26.08
N PHE A 139 -6.02 -3.74 25.25
CA PHE A 139 -5.86 -3.84 23.82
C PHE A 139 -6.81 -2.89 23.10
N ALA A 140 -6.27 -2.00 22.27
CA ALA A 140 -7.09 -1.12 21.45
C ALA A 140 -7.00 -1.56 20.00
N TYR A 141 -8.12 -1.54 19.29
CA TYR A 141 -8.13 -2.00 17.88
C TYR A 141 -9.07 -1.19 17.03
N GLY A 142 -8.67 -0.92 15.77
CA GLY A 142 -9.49 -0.13 14.89
C GLY A 142 -10.31 -1.11 14.07
N LEU A 143 -11.58 -0.78 13.82
CA LEU A 143 -12.37 -1.59 12.90
C LEU A 143 -12.78 -0.66 11.75
N SER A 144 -12.71 -1.15 10.51
CA SER A 144 -13.20 -0.41 9.34
C SER A 144 -14.34 -1.24 8.69
N ALA A 145 -15.38 -0.56 8.22
CA ALA A 145 -16.48 -1.25 7.56
C ALA A 145 -16.44 -0.97 6.02
N SER A 146 -16.65 -2.00 5.22
CA SER A 146 -16.77 -1.88 3.76
C SER A 146 -15.53 -1.34 3.10
N GLY A 147 -14.39 -1.55 3.75
CA GLY A 147 -13.11 -1.14 3.26
C GLY A 147 -12.76 0.36 3.25
N SER A 148 -13.58 1.16 3.97
CA SER A 148 -13.34 2.59 4.14
C SER A 148 -12.06 2.79 4.99
N ASP A 149 -11.31 3.86 4.74
CA ASP A 149 -10.19 4.24 5.63
C ASP A 149 -10.70 4.70 6.99
N TRP A 150 -12.00 5.08 7.12
CA TRP A 150 -12.56 5.42 8.45
C TRP A 150 -12.48 4.24 9.44
N VAL A 151 -12.22 4.56 10.71
CA VAL A 151 -11.99 3.55 11.73
C VAL A 151 -12.79 3.85 12.96
N THR A 152 -13.26 2.80 13.69
CA THR A 152 -13.81 2.98 15.04
C THR A 152 -12.85 2.24 15.92
N ILE A 153 -12.36 2.87 16.97
CA ILE A 153 -11.41 2.22 17.80
C ILE A 153 -12.17 1.65 18.99
N LYS A 154 -11.91 0.39 19.29
CA LYS A 154 -12.58 -0.26 20.42
C LYS A 154 -11.54 -0.82 21.35
N PHE A 155 -11.95 -1.28 22.56
CA PHE A 155 -10.96 -1.66 23.57
C PHE A 155 -11.41 -2.94 24.28
N MET A 156 -10.39 -3.73 24.67
CA MET A 156 -10.60 -4.96 25.37
C MET A 156 -9.56 -5.08 26.49
N LYS A 157 -9.97 -5.75 27.56
CA LYS A 157 -9.06 -6.24 28.57
C LYS A 157 -8.64 -7.63 28.08
N VAL A 158 -7.31 -7.85 28.09
CA VAL A 158 -6.71 -9.02 27.48
C VAL A 158 -7.12 -10.25 28.30
N ASP A 159 -6.99 -10.20 29.62
CA ASP A 159 -7.30 -11.42 30.47
C ASP A 159 -8.84 -11.64 30.44
N GLY A 160 -9.28 -12.72 29.80
CA GLY A 160 -10.71 -13.01 29.59
C GLY A 160 -11.26 -12.33 28.34
N ALA A 161 -10.42 -11.61 27.59
CA ALA A 161 -10.84 -10.96 26.35
C ALA A 161 -12.17 -10.19 26.53
N LYS A 162 -12.18 -9.33 27.55
CA LYS A 162 -13.42 -8.67 27.99
C LYS A 162 -13.58 -7.37 27.22
N GLU A 163 -14.66 -7.26 26.49
CA GLU A 163 -15.05 -5.98 25.88
C GLU A 163 -15.28 -4.86 26.89
N LEU A 164 -14.72 -3.69 26.60
CA LEU A 164 -14.87 -2.50 27.40
C LEU A 164 -15.84 -1.51 26.69
N PRO A 165 -16.38 -0.57 27.44
CA PRO A 165 -17.31 0.45 26.93
C PRO A 165 -16.69 1.46 25.95
N ASP A 166 -15.40 1.80 26.11
CA ASP A 166 -14.70 2.82 25.29
C ASP A 166 -14.80 2.61 23.73
N VAL A 167 -15.28 3.63 23.06
CA VAL A 167 -15.42 3.61 21.62
C VAL A 167 -14.93 4.99 21.14
N LEU A 168 -14.08 5.01 20.12
CA LEU A 168 -13.59 6.30 19.58
C LEU A 168 -14.00 6.40 18.13
N GLU A 169 -14.75 7.47 17.77
CA GLU A 169 -15.17 7.74 16.42
C GLU A 169 -14.38 8.83 15.73
N ARG A 170 -14.58 8.94 14.40
CA ARG A 170 -13.96 9.95 13.50
C ARG A 170 -12.45 9.75 13.39
N VAL A 171 -12.00 8.51 13.57
CA VAL A 171 -10.60 8.14 13.49
C VAL A 171 -10.20 7.76 12.07
N LYS A 172 -9.10 8.30 11.56
CA LYS A 172 -8.58 8.00 10.21
C LYS A 172 -7.09 8.42 10.13
N PHE A 173 -6.24 7.63 9.46
CA PHE A 173 -4.78 7.85 9.39
C PHE A 173 -4.21 8.12 10.77
N SER A 174 -4.59 7.26 11.72
CA SER A 174 -4.43 7.55 13.14
C SER A 174 -3.24 6.79 13.75
N CYS A 175 -2.50 7.41 14.67
CA CYS A 175 -1.55 6.63 15.50
C CYS A 175 -2.39 5.90 16.59
N MET A 176 -1.75 5.02 17.35
CA MET A 176 -2.33 4.47 18.58
C MET A 176 -1.22 4.17 19.51
N ALA A 177 -1.12 4.91 20.60
CA ALA A 177 0.08 4.84 21.43
C ALA A 177 -0.36 5.06 22.87
N TRP A 178 -0.29 4.01 23.72
CA TRP A 178 -0.58 4.16 25.12
C TRP A 178 0.60 4.78 25.89
N THR A 179 0.31 5.61 26.87
CA THR A 179 1.31 6.01 27.84
C THR A 179 1.57 4.82 28.76
N HIS A 180 2.81 4.76 29.22
CA HIS A 180 3.29 3.59 29.91
C HIS A 180 2.71 3.46 31.33
N ASP A 181 2.08 4.53 31.83
CA ASP A 181 1.32 4.43 33.06
C ASP A 181 0.01 3.66 32.90
N GLY A 182 -0.33 3.26 31.66
CA GLY A 182 -1.54 2.49 31.38
C GLY A 182 -2.83 3.29 31.42
N LYS A 183 -2.69 4.61 31.56
CA LYS A 183 -3.87 5.46 31.86
C LYS A 183 -4.79 5.71 30.65
N GLY A 184 -4.18 5.69 29.48
CA GLY A 184 -4.90 6.11 28.29
C GLY A 184 -4.04 6.15 27.05
N MET A 185 -4.67 6.49 25.93
CA MET A 185 -4.01 6.27 24.64
C MET A 185 -4.16 7.47 23.72
N PHE A 186 -3.05 7.80 23.03
CA PHE A 186 -3.05 8.83 21.99
C PHE A 186 -3.67 8.26 20.69
N TYR A 187 -4.42 9.07 19.93
CA TYR A 187 -4.95 8.66 18.62
C TYR A 187 -5.27 9.98 17.86
N ASN A 188 -5.57 9.91 16.59
CA ASN A 188 -5.94 11.08 15.79
C ASN A 188 -7.42 11.00 15.36
N ALA A 189 -8.08 12.17 15.29
CA ALA A 189 -9.41 12.22 14.79
C ALA A 189 -9.57 13.54 14.03
N TYR A 190 -10.55 13.52 13.14
CA TYR A 190 -10.90 14.65 12.31
C TYR A 190 -12.15 15.30 12.89
N PRO A 191 -12.32 16.63 12.75
CA PRO A 191 -13.54 17.33 13.27
C PRO A 191 -14.81 16.86 12.54
N GLN A 192 -15.99 16.99 13.15
CA GLN A 192 -17.27 16.86 12.43
C GLN A 192 -17.32 17.53 11.07
N GLN A 193 -18.07 16.91 10.16
CA GLN A 193 -18.27 17.47 8.84
C GLN A 193 -19.69 17.19 8.36
N ASP A 194 -20.16 18.05 7.46
CA ASP A 194 -21.47 17.81 6.82
C ASP A 194 -21.48 16.57 5.90
N GLY A 195 -22.66 15.97 5.73
CA GLY A 195 -22.80 14.79 4.90
C GLY A 195 -22.21 13.54 5.55
N LYS A 196 -21.95 12.51 4.73
CA LYS A 196 -21.53 11.24 5.25
C LYS A 196 -20.06 11.18 5.63
N SER A 197 -19.73 10.31 6.59
CA SER A 197 -18.37 9.90 6.84
C SER A 197 -18.30 8.35 6.86
N ASP A 198 -18.64 7.70 5.76
CA ASP A 198 -18.66 6.25 5.82
C ASP A 198 -17.78 5.65 4.71
N GLY A 199 -17.07 6.50 3.94
CA GLY A 199 -16.28 6.04 2.83
C GLY A 199 -16.88 6.24 1.43
N THR A 200 -18.15 6.61 1.32
CA THR A 200 -18.79 6.90 0.02
C THR A 200 -18.71 8.41 -0.34
N GLU A 201 -18.33 9.25 0.60
CA GLU A 201 -18.23 10.68 0.38
C GLU A 201 -16.86 11.05 -0.22
N THR A 202 -16.77 12.22 -0.88
CA THR A 202 -15.49 12.66 -1.42
C THR A 202 -14.86 13.80 -0.61
N SER A 203 -15.49 14.18 0.50
CA SER A 203 -15.11 15.39 1.21
C SER A 203 -13.64 15.38 1.63
N THR A 204 -12.95 16.47 1.41
CA THR A 204 -11.57 16.56 1.81
C THR A 204 -11.34 16.43 3.34
N ASN A 205 -10.27 15.74 3.69
CA ASN A 205 -9.90 15.58 5.12
C ASN A 205 -8.79 16.49 5.53
N LEU A 206 -9.14 17.46 6.35
CA LEU A 206 -8.25 18.49 6.85
C LEU A 206 -8.42 18.68 8.42
N HIS A 207 -7.45 19.34 9.06
CA HIS A 207 -7.52 19.68 10.51
C HIS A 207 -7.53 18.43 11.43
N GLN A 208 -6.74 17.44 11.05
CA GLN A 208 -6.60 16.26 11.84
C GLN A 208 -5.92 16.73 13.15
N LYS A 209 -6.42 16.20 14.28
CA LYS A 209 -5.90 16.60 15.56
C LYS A 209 -5.38 15.34 16.30
N LEU A 210 -4.54 15.57 17.31
CA LEU A 210 -4.09 14.54 18.24
C LEU A 210 -4.79 14.64 19.60
N TYR A 211 -5.40 13.54 20.00
CA TYR A 211 -6.16 13.50 21.22
C TYR A 211 -5.55 12.43 22.09
N TYR A 212 -5.91 12.49 23.37
CA TYR A 212 -5.51 11.48 24.38
C TYR A 212 -6.78 10.97 25.00
N HIS A 213 -7.02 9.67 24.92
CA HIS A 213 -8.26 9.15 25.46
C HIS A 213 -7.93 8.46 26.80
N VAL A 214 -8.59 8.88 27.89
CA VAL A 214 -8.41 8.23 29.21
C VAL A 214 -9.29 7.00 29.30
N LEU A 215 -8.71 5.82 29.46
CA LEU A 215 -9.56 4.62 29.58
C LEU A 215 -10.61 4.72 30.69
N GLY A 216 -11.84 4.27 30.35
CA GLY A 216 -12.95 4.32 31.27
C GLY A 216 -13.73 5.61 31.23
N THR A 217 -13.53 6.41 30.16
CA THR A 217 -14.23 7.68 29.99
C THR A 217 -14.89 7.71 28.61
N ASP A 218 -15.74 8.68 28.42
CA ASP A 218 -16.39 8.96 27.19
C ASP A 218 -15.42 9.72 26.32
N GLN A 219 -15.52 9.46 25.01
CA GLN A 219 -14.77 10.19 23.99
C GLN A 219 -14.88 11.75 24.11
N SER A 220 -16.06 12.25 24.45
CA SER A 220 -16.26 13.71 24.62
C SER A 220 -15.33 14.30 25.68
N GLU A 221 -14.82 13.46 26.58
CA GLU A 221 -13.85 13.98 27.58
C GLU A 221 -12.40 13.97 27.15
N ASP A 222 -12.10 13.53 25.91
CA ASP A 222 -10.66 13.31 25.54
C ASP A 222 -9.92 14.63 25.43
N ILE A 223 -8.61 14.56 25.69
CA ILE A 223 -7.75 15.75 25.83
C ILE A 223 -7.16 16.09 24.42
N LEU A 224 -7.32 17.34 23.99
CA LEU A 224 -6.68 17.79 22.75
C LEU A 224 -5.19 18.07 23.09
N CYS A 225 -4.27 17.34 22.45
CA CYS A 225 -2.89 17.46 22.81
C CYS A 225 -2.02 18.25 21.78
N ALA A 226 -2.45 18.24 20.51
CA ALA A 226 -1.80 19.03 19.46
C ALA A 226 -2.79 19.26 18.33
N GLU A 227 -2.71 20.44 17.73
CA GLU A 227 -3.61 20.80 16.61
C GLU A 227 -2.84 21.86 15.82
N PHE A 228 -3.10 21.94 14.51
CA PHE A 228 -2.37 22.89 13.65
C PHE A 228 -3.36 23.68 12.85
N PRO A 229 -4.15 24.56 13.49
CA PRO A 229 -5.27 25.21 12.79
C PRO A 229 -4.81 26.13 11.61
N ASP A 230 -3.59 26.68 11.59
CA ASP A 230 -3.08 27.51 10.45
C ASP A 230 -2.37 26.61 9.35
N GLU A 231 -2.26 25.30 9.62
CA GLU A 231 -1.67 24.29 8.67
C GLU A 231 -2.63 23.06 8.53
N PRO A 232 -3.75 23.28 7.84
CA PRO A 232 -4.82 22.27 7.79
C PRO A 232 -4.34 20.92 7.21
N LYS A 233 -3.19 20.84 6.54
CA LYS A 233 -2.79 19.57 5.93
C LYS A 233 -1.85 18.77 6.80
N TRP A 234 -1.33 19.41 7.85
CA TRP A 234 -0.46 18.73 8.79
C TRP A 234 -1.17 17.63 9.56
N MET A 235 -0.44 16.50 9.71
CA MET A 235 -0.93 15.33 10.43
C MET A 235 0.12 14.96 11.50
N GLY A 236 -0.20 15.03 12.79
CA GLY A 236 0.78 14.74 13.83
C GLY A 236 0.49 13.34 14.52
N GLY A 237 1.34 12.33 14.26
CA GLY A 237 1.26 11.04 14.91
C GLY A 237 2.19 10.96 16.12
N ALA A 238 1.67 10.42 17.24
CA ALA A 238 2.42 10.30 18.51
C ALA A 238 2.90 8.85 18.74
N GLU A 239 4.04 8.71 19.41
CA GLU A 239 4.45 7.42 19.89
C GLU A 239 5.19 7.67 21.19
N LEU A 240 5.22 6.71 22.11
CA LEU A 240 6.07 6.85 23.29
C LEU A 240 7.48 6.29 23.04
N SER A 241 8.50 6.95 23.58
CA SER A 241 9.81 6.30 23.66
C SER A 241 9.72 4.98 24.47
N ASP A 242 10.78 4.17 24.34
CA ASP A 242 10.79 2.79 24.80
C ASP A 242 10.77 2.79 26.36
N ASP A 243 11.36 3.82 26.95
CA ASP A 243 11.33 3.95 28.40
C ASP A 243 10.09 4.69 28.92
N GLY A 244 9.12 5.01 28.05
CA GLY A 244 7.87 5.65 28.53
C GLY A 244 7.97 7.15 28.87
N ARG A 245 9.19 7.68 28.86
CA ARG A 245 9.39 9.07 29.25
C ARG A 245 8.98 10.16 28.29
N TYR A 246 9.13 9.96 26.98
CA TYR A 246 8.84 11.06 26.03
C TYR A 246 7.73 10.69 25.05
N VAL A 247 6.86 11.65 24.74
CA VAL A 247 5.98 11.49 23.62
C VAL A 247 6.73 12.11 22.48
N LEU A 248 6.96 11.35 21.39
CA LEU A 248 7.48 11.88 20.13
C LEU A 248 6.36 12.12 19.14
N LEU A 249 6.39 13.30 18.54
CA LEU A 249 5.35 13.70 17.61
C LEU A 249 5.96 13.83 16.21
N SER A 250 5.52 12.98 15.26
CA SER A 250 6.00 13.08 13.89
C SER A 250 4.97 13.82 13.07
N ILE A 251 5.32 14.98 12.54
CA ILE A 251 4.32 15.76 11.81
C ILE A 251 4.62 15.62 10.34
N ARG A 252 3.60 15.25 9.58
CA ARG A 252 3.79 15.09 8.15
C ARG A 252 2.85 16.05 7.42
N GLU A 253 3.22 16.35 6.18
CA GLU A 253 2.40 17.13 5.28
C GLU A 253 2.76 16.60 3.84
N GLY A 254 1.87 15.76 3.31
CA GLY A 254 2.04 15.12 2.01
C GLY A 254 2.68 13.71 2.23
N CYS A 255 3.19 13.13 1.16
CA CYS A 255 3.66 11.76 1.21
C CYS A 255 5.20 11.58 1.11
N ASP A 256 5.99 12.64 0.98
CA ASP A 256 7.45 12.49 0.95
C ASP A 256 7.91 11.87 2.26
N PRO A 257 9.00 11.15 2.24
CA PRO A 257 9.56 10.61 3.48
C PRO A 257 10.34 11.73 4.25
N VAL A 258 9.57 12.60 4.91
CA VAL A 258 10.14 13.63 5.74
C VAL A 258 9.13 13.92 6.86
N ASN A 259 9.61 14.51 7.94
CA ASN A 259 8.66 14.89 9.02
C ASN A 259 9.32 15.86 9.93
N ARG A 260 8.53 16.74 10.60
CA ARG A 260 9.01 17.40 11.84
C ARG A 260 9.00 16.38 12.96
N LEU A 261 9.79 16.66 14.00
CA LEU A 261 9.89 15.82 15.18
C LEU A 261 9.92 16.77 16.37
N TRP A 262 8.83 16.68 17.10
CA TRP A 262 8.70 17.44 18.34
C TRP A 262 8.65 16.42 19.43
N TYR A 263 9.14 16.78 20.62
CA TYR A 263 8.99 15.85 21.76
C TYR A 263 8.35 16.51 23.00
N CYS A 264 7.79 15.69 23.89
CA CYS A 264 7.32 16.18 25.17
C CYS A 264 7.89 15.28 26.26
N ASP A 265 8.67 15.83 27.18
CA ASP A 265 9.22 15.09 28.30
C ASP A 265 8.08 14.98 29.30
N LEU A 266 7.48 13.80 29.41
CA LEU A 266 6.30 13.68 30.28
C LEU A 266 6.61 13.95 31.78
N GLN A 267 7.85 13.75 32.22
CA GLN A 267 8.26 14.14 33.58
C GLN A 267 8.16 15.65 33.78
N GLN A 268 8.26 16.42 32.68
CA GLN A 268 8.16 17.87 32.80
C GLN A 268 6.73 18.42 32.73
N GLU A 269 5.72 17.54 32.59
CA GLU A 269 4.33 18.02 32.60
C GLU A 269 3.91 18.22 34.07
N SER A 270 3.54 19.42 34.47
CA SER A 270 3.30 19.63 35.94
C SER A 270 2.25 18.66 36.51
N ASN A 271 1.22 18.36 35.70
CA ASN A 271 -0.06 17.80 36.10
C ASN A 271 -0.48 16.57 35.28
N GLY A 272 0.45 15.89 34.65
CA GLY A 272 0.03 14.84 33.73
C GLY A 272 -0.47 15.42 32.41
N ILE A 273 -1.23 14.64 31.64
CA ILE A 273 -1.67 15.12 30.32
C ILE A 273 -3.02 15.82 30.53
N THR A 274 -3.02 17.15 30.59
CA THR A 274 -4.31 17.86 30.80
C THR A 274 -4.69 18.91 29.72
N GLY A 275 -3.81 19.08 28.74
CA GLY A 275 -4.16 20.06 27.70
C GLY A 275 -3.10 19.93 26.67
N ILE A 276 -2.86 21.03 25.97
CA ILE A 276 -1.84 21.07 24.93
C ILE A 276 -0.45 20.80 25.61
N LEU A 277 0.30 19.82 25.09
CA LEU A 277 1.56 19.46 25.79
C LEU A 277 2.73 20.52 25.62
N LYS A 278 3.71 20.51 26.51
CA LYS A 278 4.89 21.37 26.39
C LYS A 278 5.85 20.83 25.31
N TRP A 279 5.51 21.01 24.03
CA TRP A 279 6.30 20.44 22.93
C TRP A 279 7.67 21.12 22.81
N VAL A 280 8.70 20.33 22.66
CA VAL A 280 10.01 20.90 22.30
C VAL A 280 10.21 20.60 20.82
N LYS A 281 10.42 21.64 20.01
CA LYS A 281 10.36 21.45 18.54
C LYS A 281 11.78 21.15 18.05
N LEU A 282 12.22 19.92 18.31
CA LEU A 282 13.59 19.44 18.04
C LEU A 282 13.92 19.63 16.55
N ILE A 283 13.08 19.06 15.68
CA ILE A 283 13.23 19.23 14.23
C ILE A 283 11.98 19.93 13.78
N ASP A 284 12.13 21.18 13.39
CA ASP A 284 10.93 21.99 13.08
C ASP A 284 10.91 22.46 11.62
N ASN A 285 11.15 21.52 10.71
CA ASN A 285 11.09 21.75 9.26
C ASN A 285 10.75 20.43 8.62
N PHE A 286 10.49 20.44 7.32
CA PHE A 286 10.23 19.21 6.61
C PHE A 286 11.42 18.81 5.71
N GLU A 287 12.62 19.02 6.16
CA GLU A 287 13.74 18.69 5.28
C GLU A 287 14.15 17.25 5.37
N GLY A 288 13.73 16.53 6.39
CA GLY A 288 14.29 15.18 6.44
C GLY A 288 13.39 14.19 7.16
N GLU A 289 13.63 12.89 7.01
CA GLU A 289 12.90 11.92 7.79
C GLU A 289 13.57 11.60 9.08
N TYR A 290 12.80 11.48 10.19
CA TYR A 290 13.39 11.10 11.51
C TYR A 290 12.46 10.09 12.06
N ASP A 291 12.90 8.84 12.01
CA ASP A 291 12.05 7.74 12.42
C ASP A 291 12.67 7.13 13.67
N TYR A 292 11.93 7.20 14.76
CA TYR A 292 12.43 6.80 16.07
C TYR A 292 12.81 5.30 16.12
N VAL A 293 14.01 5.00 16.62
CA VAL A 293 14.43 3.57 16.76
C VAL A 293 14.48 3.16 18.25
N THR A 294 15.24 3.87 19.06
CA THR A 294 15.17 3.68 20.52
C THR A 294 15.89 4.88 21.15
N ASN A 295 16.01 4.91 22.47
CA ASN A 295 16.77 5.99 23.12
C ASN A 295 17.43 5.39 24.35
N GLU A 296 18.55 5.96 24.79
CA GLU A 296 19.06 5.58 26.08
C GLU A 296 19.22 6.87 26.82
N GLY A 297 18.37 7.13 27.83
CA GLY A 297 18.40 8.44 28.49
C GLY A 297 18.06 9.51 27.36
N THR A 298 18.83 10.60 27.25
CA THR A 298 18.53 11.68 26.28
C THR A 298 19.14 11.44 24.90
N VAL A 299 19.78 10.28 24.71
CA VAL A 299 20.43 10.00 23.41
C VAL A 299 19.42 9.17 22.57
N PHE A 300 18.86 9.81 21.56
CA PHE A 300 17.89 9.23 20.68
C PHE A 300 18.49 8.71 19.36
N THR A 301 18.21 7.46 19.02
CA THR A 301 18.63 6.91 17.71
C THR A 301 17.48 6.99 16.72
N PHE A 302 17.72 7.59 15.55
CA PHE A 302 16.75 7.67 14.51
C PHE A 302 17.28 7.09 13.22
N LYS A 303 16.39 6.52 12.37
CA LYS A 303 16.74 6.25 10.99
C LYS A 303 16.43 7.54 10.24
N THR A 304 17.32 8.03 9.39
CA THR A 304 17.00 9.28 8.71
C THR A 304 17.43 9.21 7.28
N ASN A 305 16.91 10.10 6.44
CA ASN A 305 17.50 10.27 5.07
C ASN A 305 18.10 11.68 4.93
N ARG A 306 18.27 12.34 6.04
CA ARG A 306 18.89 13.67 6.06
C ARG A 306 20.29 13.58 5.42
N HIS A 307 20.41 14.13 4.20
CA HIS A 307 21.64 14.12 3.41
C HIS A 307 22.11 12.69 3.14
N SER A 308 21.15 11.75 3.16
CA SER A 308 21.44 10.32 2.98
C SER A 308 20.25 9.64 2.32
N PRO A 309 20.21 9.81 1.02
CA PRO A 309 19.12 9.24 0.21
C PRO A 309 19.02 7.75 0.38
N ASN A 310 20.09 7.01 0.72
CA ASN A 310 19.92 5.56 1.06
C ASN A 310 19.67 5.24 2.51
N TYR A 311 19.52 6.31 3.32
CA TYR A 311 19.17 6.20 4.73
C TYR A 311 20.36 5.72 5.55
N ARG A 312 20.36 6.17 6.81
CA ARG A 312 21.39 5.82 7.76
C ARG A 312 20.82 5.97 9.19
N LEU A 313 21.61 5.60 10.23
CA LEU A 313 21.16 5.78 11.59
C LEU A 313 21.98 6.87 12.26
N ILE A 314 21.33 7.82 12.91
CA ILE A 314 22.00 8.85 13.68
C ILE A 314 21.58 8.87 15.14
N ASN A 315 22.45 9.39 16.00
CA ASN A 315 22.11 9.64 17.41
C ASN A 315 22.02 11.11 17.65
N ILE A 316 20.86 11.54 18.12
CA ILE A 316 20.62 12.95 18.48
C ILE A 316 20.50 12.96 20.00
N ASP A 317 21.36 13.73 20.64
CA ASP A 317 21.25 13.90 22.07
C ASP A 317 20.37 15.10 22.35
N PHE A 318 19.19 14.92 22.95
CA PHE A 318 18.30 16.06 23.31
C PHE A 318 19.00 17.17 24.16
N THR A 319 20.08 16.85 24.88
CA THR A 319 20.77 17.88 25.68
C THR A 319 21.91 18.51 24.94
N ASP A 320 22.14 18.09 23.68
CA ASP A 320 23.17 18.71 22.82
C ASP A 320 22.71 18.57 21.37
N PRO A 321 21.56 19.17 21.05
CA PRO A 321 20.82 18.74 19.87
C PRO A 321 21.27 19.41 18.54
N GLU A 322 22.34 20.22 18.47
CA GLU A 322 22.68 20.92 17.21
C GLU A 322 23.16 19.87 16.22
N GLU A 323 22.84 20.06 14.94
CA GLU A 323 23.13 19.07 13.92
C GLU A 323 24.60 18.68 13.81
N SER A 324 25.52 19.64 13.88
CA SER A 324 26.95 19.29 13.88
C SER A 324 27.33 18.38 15.04
N LYS A 325 26.47 18.25 16.04
CA LYS A 325 26.80 17.35 17.13
C LYS A 325 26.24 15.94 16.97
N TRP A 326 25.30 15.73 16.05
CA TRP A 326 24.77 14.37 15.88
C TRP A 326 25.85 13.37 15.55
N LYS A 327 25.71 12.15 16.08
CA LYS A 327 26.65 11.07 15.79
C LYS A 327 26.06 10.11 14.72
N VAL A 328 26.87 9.64 13.77
CA VAL A 328 26.42 8.75 12.73
C VAL A 328 26.71 7.33 13.27
N LEU A 329 25.69 6.64 13.68
CA LEU A 329 25.84 5.32 14.33
C LEU A 329 26.11 4.24 13.28
N VAL A 330 25.31 4.24 12.20
CA VAL A 330 25.49 3.33 11.05
C VAL A 330 25.37 4.15 9.76
N PRO A 331 26.51 4.41 9.14
CA PRO A 331 26.56 5.25 7.94
C PRO A 331 25.75 4.76 6.78
N GLU A 332 25.46 5.69 5.88
CA GLU A 332 24.69 5.38 4.67
C GLU A 332 25.55 4.42 3.80
N HIS A 333 24.92 3.39 3.25
CA HIS A 333 25.56 2.57 2.21
C HIS A 333 25.56 3.30 0.86
N GLU A 334 26.56 3.02 0.02
CA GLU A 334 26.63 3.60 -1.30
C GLU A 334 25.43 3.26 -2.18
N LYS A 335 24.81 2.08 -1.99
CA LYS A 335 23.73 1.67 -2.94
C LYS A 335 22.52 1.03 -2.28
N ASP A 336 22.75 0.19 -1.30
CA ASP A 336 21.70 -0.44 -0.51
C ASP A 336 20.89 0.49 0.44
N VAL A 337 19.58 0.34 0.38
CA VAL A 337 18.67 1.16 1.11
C VAL A 337 18.45 0.47 2.45
N LEU A 338 18.64 1.21 3.56
CA LEU A 338 18.23 0.76 4.85
C LEU A 338 16.73 1.02 4.91
N GLU A 339 15.97 -0.07 4.90
CA GLU A 339 14.53 0.03 4.82
C GLU A 339 13.88 0.27 6.17
N TRP A 340 14.32 -0.44 7.19
CA TRP A 340 13.80 -0.24 8.53
C TRP A 340 14.74 -0.83 9.53
N VAL A 341 14.56 -0.45 10.80
CA VAL A 341 15.44 -0.81 11.90
C VAL A 341 14.59 -0.96 13.12
N ALA A 342 14.82 -2.02 13.89
CA ALA A 342 14.13 -2.25 15.17
C ALA A 342 15.13 -2.46 16.28
N CYS A 343 14.78 -2.06 17.50
CA CYS A 343 15.69 -2.31 18.62
C CYS A 343 15.11 -3.43 19.43
N VAL A 344 15.95 -4.39 19.83
CA VAL A 344 15.47 -5.58 20.55
C VAL A 344 16.47 -6.01 21.59
N ARG A 345 15.95 -6.65 22.62
CA ARG A 345 16.82 -7.13 23.67
C ARG A 345 17.76 -6.09 24.27
N SER A 346 17.20 -4.91 24.58
CA SER A 346 17.93 -3.71 25.03
C SER A 346 18.93 -3.04 24.06
N ASN A 347 19.98 -3.79 23.70
CA ASN A 347 21.15 -3.20 23.06
C ASN A 347 21.48 -3.86 21.74
N PHE A 348 20.47 -4.51 21.11
CA PHE A 348 20.63 -4.95 19.70
C PHE A 348 19.82 -4.09 18.72
N LEU A 349 20.29 -3.99 17.47
CA LEU A 349 19.48 -3.47 16.42
C LEU A 349 19.36 -4.45 15.30
N VAL A 350 18.15 -4.55 14.79
CA VAL A 350 17.94 -5.40 13.60
C VAL A 350 17.80 -4.43 12.43
N LEU A 351 18.59 -4.60 11.36
CA LEU A 351 18.52 -3.67 10.24
C LEU A 351 18.17 -4.45 8.99
N CYS A 352 17.19 -3.98 8.26
CA CYS A 352 16.75 -4.71 7.07
C CYS A 352 17.20 -3.83 5.88
N TYR A 353 18.06 -4.32 5.01
CA TYR A 353 18.41 -3.57 3.79
C TYR A 353 17.71 -4.11 2.54
N LEU A 354 17.54 -3.28 1.53
CA LEU A 354 17.21 -3.71 0.19
C LEU A 354 18.49 -3.62 -0.65
N HIS A 355 18.95 -4.76 -1.18
CA HIS A 355 20.10 -4.85 -2.11
C HIS A 355 19.58 -5.36 -3.46
N ASP A 356 19.61 -4.50 -4.51
CA ASP A 356 19.02 -4.84 -5.82
C ASP A 356 17.62 -5.49 -5.70
N VAL A 357 16.74 -4.86 -4.87
CA VAL A 357 15.36 -5.25 -4.77
C VAL A 357 15.12 -6.60 -4.01
N LYS A 358 16.10 -7.02 -3.18
CA LYS A 358 15.98 -8.18 -2.29
C LYS A 358 16.42 -7.77 -0.86
N ASN A 359 15.76 -8.31 0.15
CA ASN A 359 16.09 -7.97 1.54
C ASN A 359 17.24 -8.76 2.06
N THR A 360 18.06 -8.10 2.89
CA THR A 360 19.00 -8.78 3.78
C THR A 360 18.65 -8.30 5.22
N LEU A 361 19.00 -9.12 6.21
CA LEU A 361 18.64 -8.83 7.60
C LEU A 361 19.87 -8.95 8.48
N GLN A 362 20.21 -7.90 9.24
CA GLN A 362 21.48 -7.94 9.94
C GLN A 362 21.20 -7.55 11.40
N LEU A 363 22.01 -8.09 12.30
CA LEU A 363 22.01 -7.68 13.72
C LEU A 363 23.24 -6.84 14.01
N HIS A 364 23.00 -5.70 14.66
CA HIS A 364 24.07 -4.77 15.01
C HIS A 364 24.03 -4.45 16.50
N ASP A 365 25.19 -4.05 17.02
CA ASP A 365 25.37 -3.56 18.42
C ASP A 365 24.86 -2.13 18.49
N LEU A 366 24.07 -1.80 19.51
CA LEU A 366 23.48 -0.48 19.62
C LEU A 366 24.50 0.59 19.96
N ALA A 367 25.41 0.23 20.84
CA ALA A 367 26.42 1.15 21.34
C ALA A 367 27.39 1.64 20.23
N THR A 368 27.71 0.78 19.25
CA THR A 368 28.75 1.13 18.29
C THR A 368 28.27 1.03 16.92
N GLY A 369 27.12 0.40 16.67
CA GLY A 369 26.70 0.28 15.27
C GLY A 369 27.36 -0.91 14.57
N ALA A 370 28.28 -1.61 15.26
CA ALA A 370 28.96 -2.74 14.59
C ALA A 370 28.06 -3.93 14.19
N LEU A 371 28.35 -4.51 13.02
CA LEU A 371 27.71 -5.71 12.55
C LEU A 371 28.07 -6.87 13.48
N LEU A 372 27.09 -7.64 13.88
CA LEU A 372 27.28 -8.74 14.79
C LEU A 372 26.94 -10.04 14.10
N LYS A 373 25.91 -10.03 13.25
CA LYS A 373 25.32 -11.26 12.74
C LYS A 373 24.57 -10.99 11.43
N ILE A 374 24.78 -11.80 10.40
CA ILE A 374 23.92 -11.74 9.20
C ILE A 374 22.86 -12.85 9.38
N PHE A 375 21.56 -12.54 9.26
CA PHE A 375 20.51 -13.59 9.21
C PHE A 375 20.31 -14.03 7.75
N PRO A 376 20.64 -15.27 7.41
CA PRO A 376 20.69 -15.61 5.98
C PRO A 376 19.28 -15.82 5.44
N LEU A 377 19.00 -15.22 4.28
CA LEU A 377 17.72 -15.39 3.67
C LEU A 377 18.03 -15.84 2.26
N GLU A 378 17.10 -16.60 1.66
CA GLU A 378 17.00 -16.80 0.21
C GLU A 378 16.63 -15.46 -0.49
N VAL A 379 16.47 -15.48 -1.81
CA VAL A 379 16.12 -14.28 -2.56
C VAL A 379 14.63 -13.90 -2.39
N GLY A 380 14.32 -12.75 -1.75
CA GLY A 380 12.93 -12.36 -1.59
C GLY A 380 12.76 -11.20 -0.64
N SER A 381 11.61 -11.17 0.06
CA SER A 381 11.24 -10.06 0.93
C SER A 381 11.03 -10.48 2.39
N VAL A 382 11.38 -9.61 3.32
CA VAL A 382 10.98 -9.77 4.75
C VAL A 382 9.69 -8.99 4.84
N VAL A 383 8.59 -9.67 5.12
CA VAL A 383 7.30 -9.04 5.17
C VAL A 383 6.64 -8.96 6.55
N GLY A 384 7.36 -9.34 7.60
CA GLY A 384 6.78 -9.29 8.93
C GLY A 384 7.94 -9.47 9.86
N TYR A 385 7.84 -8.92 11.07
CA TYR A 385 8.95 -9.00 12.00
C TYR A 385 8.31 -8.74 13.36
N SER A 386 8.88 -9.33 14.41
CA SER A 386 8.57 -8.90 15.75
C SER A 386 9.79 -8.94 16.66
N GLY A 387 9.85 -8.10 17.68
CA GLY A 387 11.02 -7.97 18.57
C GLY A 387 11.21 -6.54 18.95
N GLN A 388 10.76 -6.19 20.15
CA GLN A 388 10.88 -4.85 20.70
C GLN A 388 11.99 -4.78 21.75
N LYS A 389 12.25 -3.59 22.27
CA LYS A 389 13.36 -3.39 23.19
C LYS A 389 13.38 -4.33 24.36
N LYS A 390 12.24 -4.51 24.98
CA LYS A 390 12.09 -5.48 26.15
C LYS A 390 12.10 -6.98 25.78
N ASP A 391 11.95 -7.33 24.48
CA ASP A 391 11.83 -8.74 24.10
C ASP A 391 13.21 -9.33 24.05
N THR A 392 13.30 -10.65 24.17
CA THR A 392 14.63 -11.33 24.13
C THR A 392 14.73 -12.31 22.93
N GLU A 393 13.90 -12.09 21.91
CA GLU A 393 13.84 -12.97 20.71
C GLU A 393 13.27 -12.20 19.54
N ILE A 394 13.55 -12.65 18.33
CA ILE A 394 12.83 -12.09 17.20
C ILE A 394 12.14 -13.16 16.42
N PHE A 395 11.12 -12.74 15.68
CA PHE A 395 10.54 -13.54 14.63
C PHE A 395 10.60 -12.69 13.40
N TYR A 396 10.78 -13.32 12.22
CA TYR A 396 10.63 -12.54 10.97
C TYR A 396 10.13 -13.47 9.88
N GLN A 397 9.36 -12.91 8.96
CA GLN A 397 8.72 -13.73 7.97
C GLN A 397 9.26 -13.40 6.58
N PHE A 398 9.64 -14.42 5.83
CA PHE A 398 10.23 -14.27 4.51
C PHE A 398 9.19 -14.75 3.51
N THR A 399 9.15 -14.10 2.35
CA THR A 399 8.33 -14.57 1.21
C THR A 399 9.07 -14.32 -0.12
N SER A 400 8.65 -14.99 -1.21
CA SER A 400 9.18 -14.72 -2.53
C SER A 400 8.11 -15.08 -3.56
N PHE A 401 8.42 -14.95 -4.84
CA PHE A 401 7.48 -15.30 -5.92
C PHE A 401 7.01 -16.71 -5.90
N LEU A 402 7.89 -17.57 -5.43
CA LEU A 402 7.65 -19.00 -5.51
C LEU A 402 7.46 -19.66 -4.18
N SER A 403 7.59 -18.91 -3.08
CA SER A 403 7.36 -19.51 -1.78
C SER A 403 6.45 -18.70 -0.92
N PRO A 404 5.41 -19.34 -0.37
CA PRO A 404 4.55 -18.67 0.61
C PRO A 404 5.41 -18.42 1.89
N GLY A 405 4.97 -17.66 2.84
CA GLY A 405 5.83 -17.54 4.04
C GLY A 405 6.83 -18.67 4.46
N ILE A 406 8.02 -18.23 4.90
CA ILE A 406 8.74 -18.94 5.97
C ILE A 406 8.83 -18.01 7.19
N ILE A 407 8.43 -18.50 8.36
CA ILE A 407 8.65 -17.73 9.60
C ILE A 407 9.83 -18.29 10.34
N TYR A 408 10.83 -17.43 10.56
CA TYR A 408 12.04 -17.72 11.36
C TYR A 408 11.94 -17.20 12.78
N HIS A 409 12.61 -17.89 13.69
CA HIS A 409 12.69 -17.47 15.10
C HIS A 409 14.15 -17.48 15.52
N CYS A 410 14.58 -16.49 16.31
CA CYS A 410 15.93 -16.53 16.91
C CYS A 410 15.86 -16.10 18.36
N ASP A 411 16.37 -16.96 19.24
CA ASP A 411 16.44 -16.65 20.68
C ASP A 411 17.74 -15.83 20.90
N LEU A 412 17.57 -14.53 21.15
CA LEU A 412 18.66 -13.62 21.32
C LEU A 412 19.29 -13.67 22.71
N THR A 413 18.81 -14.51 23.64
CA THR A 413 19.54 -14.62 24.90
C THR A 413 20.75 -15.58 24.77
N LYS A 414 20.88 -16.27 23.63
CA LYS A 414 21.91 -17.29 23.51
C LYS A 414 23.20 -16.65 23.10
N GLU A 415 24.29 -17.23 23.56
CA GLU A 415 25.63 -16.70 23.31
C GLU A 415 25.90 -16.82 21.83
N GLU A 416 25.48 -17.93 21.25
CA GLU A 416 25.70 -18.15 19.82
C GLU A 416 24.36 -18.27 19.15
N LEU A 417 24.06 -17.31 18.27
CA LEU A 417 22.73 -17.23 17.68
C LEU A 417 22.51 -18.35 16.65
N GLU A 418 21.35 -19.01 16.72
CA GLU A 418 20.93 -20.02 15.74
C GLU A 418 19.52 -19.63 15.32
N PRO A 419 19.33 -18.86 14.26
CA PRO A 419 17.99 -18.63 13.75
C PRO A 419 17.50 -19.94 13.14
N ARG A 420 16.22 -20.27 13.38
CA ARG A 420 15.63 -21.54 12.99
C ARG A 420 14.30 -21.27 12.33
N VAL A 421 13.97 -22.16 11.39
CA VAL A 421 12.61 -22.20 10.84
C VAL A 421 11.66 -22.49 11.95
N PHE A 422 10.73 -21.58 12.16
CA PHE A 422 9.72 -21.77 13.15
C PHE A 422 8.42 -22.34 12.48
N ARG A 423 8.08 -21.81 11.31
CA ARG A 423 6.89 -22.25 10.55
C ARG A 423 7.13 -22.07 9.05
N GLU A 424 6.73 -23.07 8.28
CA GLU A 424 6.85 -23.03 6.84
C GLU A 424 5.57 -23.64 6.25
N VAL A 425 5.04 -23.05 5.19
CA VAL A 425 3.87 -23.67 4.55
C VAL A 425 4.13 -24.07 3.14
N THR A 426 3.51 -25.18 2.79
CA THR A 426 3.68 -25.67 1.46
C THR A 426 2.36 -25.69 0.72
N VAL A 427 2.33 -24.90 -0.37
CA VAL A 427 1.24 -24.98 -1.37
C VAL A 427 1.37 -26.23 -2.28
N LYS A 428 0.53 -27.23 -1.98
CA LYS A 428 0.34 -28.40 -2.81
C LYS A 428 -0.50 -27.86 -3.94
N GLY A 429 -0.08 -28.18 -5.15
CA GLY A 429 -0.71 -27.61 -6.31
C GLY A 429 0.31 -27.06 -7.28
N ILE A 430 1.18 -26.19 -6.79
CA ILE A 430 2.28 -25.67 -7.62
C ILE A 430 3.60 -26.30 -7.17
N ASP A 431 4.33 -26.88 -8.11
CA ASP A 431 5.73 -27.32 -7.95
C ASP A 431 6.70 -26.15 -8.18
N ALA A 432 7.21 -25.54 -7.12
CA ALA A 432 8.10 -24.39 -7.29
C ALA A 432 9.30 -24.66 -8.19
N SER A 433 9.84 -25.88 -8.13
CA SER A 433 11.01 -26.32 -8.89
C SER A 433 10.80 -26.35 -10.42
N ASP A 434 9.54 -26.31 -10.87
CA ASP A 434 9.17 -26.18 -12.27
C ASP A 434 9.36 -24.74 -12.79
N TYR A 435 9.54 -23.76 -11.89
CA TYR A 435 9.59 -22.34 -12.32
C TYR A 435 10.94 -21.70 -12.05
N GLN A 436 11.29 -20.67 -12.78
CA GLN A 436 12.37 -19.82 -12.28
C GLN A 436 12.03 -18.33 -12.22
N THR A 437 12.80 -17.64 -11.37
CA THR A 437 12.75 -16.19 -11.24
C THR A 437 14.09 -15.65 -11.68
N VAL A 438 14.10 -14.74 -12.65
CA VAL A 438 15.36 -14.11 -12.99
C VAL A 438 15.23 -12.61 -12.76
N GLN A 439 16.36 -11.96 -12.45
CA GLN A 439 16.37 -10.51 -12.41
C GLN A 439 17.27 -10.02 -13.51
N ILE A 440 16.85 -9.02 -14.25
CA ILE A 440 17.63 -8.43 -15.33
C ILE A 440 17.48 -6.94 -15.18
N PHE A 441 18.33 -6.16 -15.86
CA PHE A 441 18.32 -4.71 -15.78
C PHE A 441 18.28 -4.27 -17.26
N TYR A 442 17.33 -3.42 -17.62
CA TYR A 442 17.13 -3.06 -19.02
C TYR A 442 17.28 -1.53 -19.09
N PRO A 443 17.82 -1.02 -20.16
CA PRO A 443 18.06 0.41 -20.25
C PRO A 443 16.72 1.13 -20.58
N SER A 444 16.41 2.15 -19.83
CA SER A 444 15.24 2.95 -20.19
C SER A 444 15.61 3.92 -21.33
N LYS A 445 14.65 4.74 -21.77
CA LYS A 445 14.90 5.76 -22.82
C LYS A 445 16.15 6.66 -22.58
N ASP A 446 16.31 7.23 -21.37
CA ASP A 446 17.46 8.06 -21.08
C ASP A 446 18.72 7.21 -20.77
N GLY A 447 18.67 5.87 -20.88
CA GLY A 447 19.89 5.01 -20.64
C GLY A 447 19.96 4.46 -19.20
N THR A 448 19.12 4.96 -18.31
CA THR A 448 19.13 4.48 -16.94
C THR A 448 18.75 3.00 -16.90
N LYS A 449 19.44 2.26 -16.04
CA LYS A 449 19.21 0.82 -15.97
C LYS A 449 18.15 0.50 -14.96
N ILE A 450 17.10 -0.23 -15.38
CA ILE A 450 15.98 -0.48 -14.48
C ILE A 450 15.93 -1.96 -14.16
N PRO A 451 15.75 -2.33 -12.89
CA PRO A 451 15.57 -3.77 -12.56
C PRO A 451 14.22 -4.29 -12.95
N MET A 452 14.16 -5.56 -13.33
CA MET A 452 12.86 -6.24 -13.56
C MET A 452 12.96 -7.71 -13.15
N PHE A 453 11.96 -8.22 -12.42
CA PHE A 453 11.92 -9.65 -12.18
C PHE A 453 11.01 -10.29 -13.18
N ILE A 454 11.45 -11.43 -13.66
CA ILE A 454 10.65 -12.21 -14.55
C ILE A 454 10.49 -13.62 -14.00
N VAL A 455 9.25 -14.11 -13.90
CA VAL A 455 8.98 -15.47 -13.38
C VAL A 455 8.33 -16.27 -14.49
N HIS A 456 8.90 -17.45 -14.82
CA HIS A 456 8.37 -18.22 -15.93
C HIS A 456 8.62 -19.74 -15.73
N LYS A 457 8.01 -20.55 -16.56
CA LYS A 457 8.28 -22.00 -16.47
C LYS A 457 9.65 -22.28 -17.00
N LYS A 458 10.40 -23.19 -16.37
CA LYS A 458 11.75 -23.46 -16.92
C LYS A 458 11.64 -24.07 -18.27
N GLY A 459 12.55 -23.67 -19.14
CA GLY A 459 12.70 -24.38 -20.38
C GLY A 459 11.95 -23.71 -21.48
N ILE A 460 11.18 -22.65 -21.17
CA ILE A 460 10.43 -22.06 -22.29
C ILE A 460 11.30 -21.54 -23.46
N LYS A 461 10.69 -21.55 -24.63
CA LYS A 461 11.31 -20.95 -25.79
C LYS A 461 10.92 -19.49 -25.87
N LEU A 462 11.91 -18.62 -26.08
CA LEU A 462 11.66 -17.21 -26.21
C LEU A 462 11.34 -16.90 -27.66
N ASP A 463 10.19 -17.39 -28.12
CA ASP A 463 9.74 -17.16 -29.49
C ASP A 463 8.58 -16.14 -29.57
N GLY A 464 8.35 -15.41 -28.45
CA GLY A 464 7.32 -14.39 -28.45
C GLY A 464 5.90 -14.93 -28.30
N SER A 465 5.76 -16.22 -27.95
CA SER A 465 4.43 -16.88 -28.08
C SER A 465 3.58 -16.92 -26.76
N HIS A 466 4.17 -16.46 -25.67
CA HIS A 466 3.57 -16.54 -24.31
C HIS A 466 2.85 -15.30 -23.86
N PRO A 467 1.68 -15.44 -23.29
CA PRO A 467 1.02 -14.27 -22.73
C PRO A 467 1.86 -13.81 -21.53
N ALA A 468 1.84 -12.52 -21.27
CA ALA A 468 2.64 -11.98 -20.21
C ALA A 468 1.78 -11.00 -19.41
N PHE A 469 2.13 -10.90 -18.13
CA PHE A 469 1.42 -10.06 -17.18
C PHE A 469 2.51 -9.21 -16.51
N LEU A 470 2.60 -7.95 -16.94
CA LEU A 470 3.66 -7.07 -16.46
C LEU A 470 3.08 -6.07 -15.44
N TYR A 471 3.65 -6.02 -14.23
CA TYR A 471 3.09 -5.21 -13.18
C TYR A 471 4.04 -4.09 -12.87
N GLY A 472 3.52 -2.89 -12.53
CA GLY A 472 4.38 -1.81 -12.08
C GLY A 472 3.58 -0.96 -11.09
N TYR A 473 4.30 -0.16 -10.31
CA TYR A 473 3.63 0.90 -9.48
C TYR A 473 4.32 2.25 -9.81
N GLY A 474 5.53 2.45 -9.28
CA GLY A 474 6.36 3.60 -9.67
C GLY A 474 5.97 4.90 -8.94
N GLY A 475 6.21 4.98 -7.61
CA GLY A 475 5.78 6.21 -6.97
C GLY A 475 5.88 6.10 -5.43
N PHE A 476 5.85 7.22 -4.75
CA PHE A 476 5.65 7.28 -3.30
C PHE A 476 6.78 6.55 -2.53
N ASN A 477 7.96 6.46 -3.15
CA ASN A 477 9.06 5.78 -2.46
C ASN A 477 8.69 4.37 -2.04
N ILE A 478 7.76 3.74 -2.74
CA ILE A 478 7.34 2.39 -2.44
C ILE A 478 8.20 1.43 -3.27
N SER A 479 8.78 0.42 -2.62
CA SER A 479 9.62 -0.57 -3.32
C SER A 479 8.81 -1.79 -3.64
N ILE A 480 8.87 -2.25 -4.92
CA ILE A 480 8.11 -3.43 -5.33
C ILE A 480 8.98 -4.71 -5.33
N THR A 481 8.94 -5.45 -4.21
CA THR A 481 9.86 -6.53 -3.93
C THR A 481 9.08 -7.85 -4.02
N PRO A 482 9.80 -8.96 -4.19
CA PRO A 482 9.17 -10.28 -4.42
C PRO A 482 8.15 -10.63 -3.35
N ASN A 483 7.00 -11.13 -3.81
CA ASN A 483 5.90 -11.54 -2.94
C ASN A 483 5.14 -12.71 -3.57
N TYR A 484 4.57 -13.54 -2.72
CA TYR A 484 3.91 -14.78 -3.17
C TYR A 484 2.49 -14.46 -3.57
N SER A 485 2.13 -14.76 -4.80
CA SER A 485 0.72 -14.45 -5.25
C SER A 485 0.23 -15.72 -5.94
N VAL A 486 -0.64 -16.50 -5.32
CA VAL A 486 -1.06 -17.72 -5.99
C VAL A 486 -1.87 -17.38 -7.26
N SER A 487 -2.55 -16.25 -7.23
CA SER A 487 -3.31 -15.75 -8.38
C SER A 487 -2.44 -15.60 -9.64
N ARG A 488 -1.24 -15.01 -9.47
CA ARG A 488 -0.34 -14.81 -10.61
C ARG A 488 0.33 -16.15 -11.01
N LEU A 489 0.61 -17.01 -10.03
CA LEU A 489 1.15 -18.34 -10.35
C LEU A 489 0.11 -19.22 -11.12
N ILE A 490 -1.18 -18.99 -10.91
CA ILE A 490 -2.16 -19.69 -11.76
C ILE A 490 -2.10 -19.25 -13.24
N PHE A 491 -1.88 -17.98 -13.45
CA PHE A 491 -1.68 -17.43 -14.80
C PHE A 491 -0.46 -18.14 -15.42
N VAL A 492 0.61 -18.30 -14.65
CA VAL A 492 1.83 -18.97 -15.17
C VAL A 492 1.46 -20.40 -15.49
N ARG A 493 0.83 -21.09 -14.55
CA ARG A 493 0.78 -22.56 -14.67
C ARG A 493 -0.34 -23.00 -15.58
N HIS A 494 -1.47 -22.31 -15.41
CA HIS A 494 -2.73 -22.75 -16.09
C HIS A 494 -3.16 -21.90 -17.28
N MET A 495 -2.40 -20.85 -17.52
CA MET A 495 -2.61 -20.00 -18.70
C MET A 495 -1.31 -19.85 -19.52
N GLY A 496 -0.22 -20.48 -19.04
CA GLY A 496 1.04 -20.54 -19.80
C GLY A 496 1.73 -19.17 -19.87
N GLY A 497 1.37 -18.31 -18.92
CA GLY A 497 1.89 -16.98 -18.85
C GLY A 497 3.28 -16.83 -18.32
N VAL A 498 3.80 -15.61 -18.58
CA VAL A 498 5.08 -15.14 -18.02
C VAL A 498 4.70 -13.94 -17.14
N LEU A 499 5.17 -13.92 -15.88
CA LEU A 499 4.97 -12.80 -14.99
C LEU A 499 6.20 -11.86 -14.99
N ALA A 500 5.98 -10.56 -14.94
CA ALA A 500 7.08 -9.59 -14.90
C ALA A 500 6.74 -8.44 -13.95
N VAL A 501 7.77 -7.99 -13.21
CA VAL A 501 7.62 -6.88 -12.27
C VAL A 501 8.73 -5.92 -12.52
N ALA A 502 8.38 -4.73 -12.98
CA ALA A 502 9.42 -3.73 -13.36
C ALA A 502 9.58 -2.73 -12.23
N ASN A 503 10.83 -2.54 -11.75
CA ASN A 503 11.08 -1.68 -10.60
C ASN A 503 11.42 -0.23 -11.07
N ILE A 504 10.47 0.39 -11.77
CA ILE A 504 10.62 1.72 -12.37
C ILE A 504 10.79 2.81 -11.34
N ARG A 505 11.24 3.99 -11.84
CA ARG A 505 11.53 5.12 -10.95
C ARG A 505 10.25 5.67 -10.32
N GLY A 506 10.41 6.43 -9.24
CA GLY A 506 9.28 6.85 -8.42
C GLY A 506 9.20 5.98 -7.16
N GLY A 507 9.67 4.72 -7.27
CA GLY A 507 9.71 3.78 -6.16
C GLY A 507 10.95 4.11 -5.27
N GLY A 508 11.16 3.30 -4.23
CA GLY A 508 12.25 3.57 -3.32
C GLY A 508 13.36 2.53 -3.44
N GLU A 509 13.34 1.72 -4.51
CA GLU A 509 14.31 0.61 -4.72
C GLU A 509 15.75 1.07 -4.62
N TYR A 510 16.05 2.27 -5.14
CA TYR A 510 17.36 2.84 -5.00
C TYR A 510 17.28 4.17 -4.27
N GLY A 511 16.53 4.22 -3.18
CA GLY A 511 16.54 5.37 -2.28
C GLY A 511 15.83 6.61 -2.73
N GLU A 512 16.09 7.74 -2.04
CA GLU A 512 15.34 8.98 -2.38
C GLU A 512 15.63 9.47 -3.80
N THR A 513 16.78 9.09 -4.36
CA THR A 513 17.07 9.57 -5.71
C THR A 513 16.22 8.79 -6.75
N TRP A 514 16.01 7.50 -6.49
CA TRP A 514 15.12 6.70 -7.35
C TRP A 514 13.69 7.34 -7.31
N HIS A 515 13.23 7.65 -6.09
CA HIS A 515 11.94 8.28 -5.90
C HIS A 515 11.90 9.61 -6.67
N LYS A 516 12.92 10.45 -6.48
CA LYS A 516 12.90 11.75 -7.15
C LYS A 516 12.90 11.67 -8.68
N GLY A 517 13.48 10.62 -9.27
CA GLY A 517 13.59 10.55 -10.73
C GLY A 517 12.25 10.07 -11.36
N GLY A 518 11.24 9.82 -10.54
CA GLY A 518 9.90 9.55 -11.07
C GLY A 518 8.80 10.35 -10.41
N ILE A 519 9.02 11.58 -9.98
CA ILE A 519 7.93 12.45 -9.51
C ILE A 519 7.96 13.81 -10.17
N LEU A 520 6.85 14.54 -9.98
CA LEU A 520 6.77 15.97 -10.27
C LEU A 520 7.09 16.13 -11.76
N ALA A 521 8.14 16.91 -12.10
CA ALA A 521 8.50 17.19 -13.49
C ALA A 521 9.06 15.91 -14.17
N ASN A 522 9.55 14.93 -13.39
CA ASN A 522 10.08 13.65 -13.96
C ASN A 522 9.12 12.43 -13.91
N LYS A 523 7.85 12.69 -13.66
CA LYS A 523 6.83 11.64 -13.59
C LYS A 523 6.84 10.89 -14.93
N GLN A 524 7.17 11.55 -16.03
CA GLN A 524 7.11 10.85 -17.33
C GLN A 524 8.18 9.72 -17.40
N ASN A 525 9.29 9.88 -16.64
CA ASN A 525 10.23 8.78 -16.43
C ASN A 525 9.57 7.48 -16.01
N CYS A 526 8.60 7.47 -15.09
CA CYS A 526 7.87 6.20 -14.71
C CYS A 526 7.25 5.58 -15.96
N PHE A 527 6.56 6.40 -16.74
CA PHE A 527 5.90 5.82 -17.92
C PHE A 527 6.90 5.28 -18.96
N ASP A 528 8.00 6.04 -19.20
CA ASP A 528 8.98 5.68 -20.19
C ASP A 528 9.61 4.36 -19.66
N ASP A 529 10.01 4.29 -18.40
CA ASP A 529 10.59 3.05 -17.82
C ASP A 529 9.61 1.88 -18.00
N PHE A 530 8.34 2.13 -17.81
CA PHE A 530 7.40 1.00 -17.90
C PHE A 530 7.20 0.47 -19.37
N GLN A 531 7.15 1.40 -20.32
CA GLN A 531 7.03 1.12 -21.76
C GLN A 531 8.25 0.39 -22.24
N CYS A 532 9.43 0.82 -21.75
CA CYS A 532 10.68 0.11 -22.01
C CYS A 532 10.71 -1.29 -21.42
N ALA A 533 10.10 -1.50 -20.28
CA ALA A 533 10.05 -2.87 -19.78
C ALA A 533 9.22 -3.74 -20.76
N ALA A 534 8.07 -3.23 -21.17
CA ALA A 534 7.25 -3.94 -22.18
C ALA A 534 8.06 -4.25 -23.46
N GLU A 535 8.82 -3.29 -23.98
CA GLU A 535 9.59 -3.48 -25.23
C GLU A 535 10.74 -4.52 -25.02
N TYR A 536 11.31 -4.54 -23.82
CA TYR A 536 12.31 -5.53 -23.47
C TYR A 536 11.67 -6.95 -23.50
N LEU A 537 10.54 -7.10 -22.87
CA LEU A 537 9.89 -8.43 -22.89
C LEU A 537 9.58 -8.89 -24.35
N ILE A 538 9.12 -7.96 -25.18
CA ILE A 538 8.81 -8.30 -26.59
C ILE A 538 10.10 -8.61 -27.34
N LYS A 539 11.12 -7.74 -27.21
CA LYS A 539 12.37 -7.82 -27.97
C LYS A 539 13.10 -9.11 -27.59
N GLU A 540 13.02 -9.48 -26.30
CA GLU A 540 13.70 -10.69 -25.88
C GLU A 540 12.94 -11.97 -26.18
N GLY A 541 11.73 -11.82 -26.71
CA GLY A 541 10.91 -12.96 -27.13
C GLY A 541 10.14 -13.63 -25.97
N TYR A 542 9.95 -12.98 -24.81
CA TYR A 542 9.10 -13.52 -23.76
C TYR A 542 7.65 -13.46 -24.23
N THR A 543 7.29 -12.42 -24.97
CA THR A 543 5.89 -12.22 -25.31
C THR A 543 5.83 -11.41 -26.60
N SER A 544 4.61 -11.05 -26.98
CA SER A 544 4.31 -10.18 -28.11
C SER A 544 3.25 -9.14 -27.69
N PRO A 545 3.18 -7.98 -28.33
CA PRO A 545 2.24 -6.92 -27.90
C PRO A 545 0.80 -7.44 -27.79
N LYS A 546 0.36 -8.32 -28.70
CA LYS A 546 -1.00 -8.76 -28.60
C LYS A 546 -1.22 -9.81 -27.45
N ARG A 547 -0.13 -10.33 -26.84
CA ARG A 547 -0.28 -11.30 -25.75
C ARG A 547 0.06 -10.64 -24.38
N LEU A 548 0.32 -9.34 -24.39
CA LEU A 548 0.84 -8.65 -23.22
C LEU A 548 -0.27 -7.91 -22.51
N THR A 549 -0.37 -8.21 -21.21
CA THR A 549 -1.23 -7.50 -20.27
C THR A 549 -0.39 -6.71 -19.28
N ILE A 550 -0.81 -5.49 -18.95
CA ILE A 550 -0.24 -4.73 -17.87
C ILE A 550 -1.26 -4.43 -16.82
N ASN A 551 -0.76 -4.28 -15.58
CA ASN A 551 -1.59 -4.14 -14.41
C ASN A 551 -0.91 -3.26 -13.39
N GLY A 552 -1.70 -2.42 -12.72
CA GLY A 552 -1.17 -1.62 -11.62
C GLY A 552 -2.38 -1.19 -10.82
N GLY A 553 -2.14 -0.85 -9.56
CA GLY A 553 -3.20 -0.42 -8.65
C GLY A 553 -2.93 0.99 -8.16
N ALA A 554 -3.97 1.88 -8.18
CA ALA A 554 -3.89 3.25 -7.61
C ALA A 554 -2.95 4.17 -8.35
N ASN A 555 -1.81 4.55 -7.74
CA ASN A 555 -0.76 5.21 -8.54
C ASN A 555 -0.28 4.25 -9.69
N GLY A 556 -0.41 2.93 -9.51
CA GLY A 556 -0.07 1.97 -10.61
C GLY A 556 -1.23 1.87 -11.62
N GLY A 557 -2.42 2.34 -11.19
CA GLY A 557 -3.57 2.34 -12.13
C GLY A 557 -3.35 3.55 -13.03
N LEU A 558 -2.93 4.70 -12.44
CA LEU A 558 -2.46 5.85 -13.26
C LEU A 558 -1.33 5.34 -14.24
N LEU A 559 -0.37 4.53 -13.73
CA LEU A 559 0.73 4.07 -14.60
C LEU A 559 0.17 3.38 -15.85
N VAL A 560 -0.67 2.36 -15.68
CA VAL A 560 -1.14 1.55 -16.87
C VAL A 560 -2.12 2.27 -17.78
N ALA A 561 -2.94 3.14 -17.20
CA ALA A 561 -3.90 3.96 -17.99
C ALA A 561 -3.10 4.93 -18.86
N THR A 562 -2.11 5.59 -18.27
CA THR A 562 -1.32 6.55 -19.06
C THR A 562 -0.56 5.75 -20.19
N CYS A 563 -0.06 4.56 -19.85
CA CYS A 563 0.60 3.74 -20.86
C CYS A 563 -0.34 3.30 -21.98
N ALA A 564 -1.59 2.96 -21.65
CA ALA A 564 -2.57 2.71 -22.71
C ALA A 564 -2.73 3.92 -23.64
N ASN A 565 -2.81 5.12 -23.06
CA ASN A 565 -2.95 6.33 -23.91
C ASN A 565 -1.70 6.55 -24.77
N GLN A 566 -0.51 6.39 -24.17
CA GLN A 566 0.71 6.79 -24.85
C GLN A 566 1.17 5.78 -25.86
N ARG A 567 1.00 4.49 -25.54
CA ARG A 567 1.48 3.38 -26.45
C ARG A 567 0.44 2.27 -26.56
N PRO A 568 -0.72 2.57 -27.15
CA PRO A 568 -1.79 1.56 -27.31
C PRO A 568 -1.35 0.36 -28.21
N ASP A 569 -0.38 0.58 -29.11
CA ASP A 569 0.24 -0.48 -29.94
C ASP A 569 1.07 -1.52 -29.18
N LEU A 570 1.43 -1.19 -27.95
CA LEU A 570 2.37 -1.95 -27.20
C LEU A 570 1.68 -3.09 -26.32
N PHE A 571 0.36 -3.03 -26.12
CA PHE A 571 -0.34 -3.85 -25.11
C PHE A 571 -1.62 -4.46 -25.73
N GLY A 572 -1.90 -5.71 -25.42
CA GLY A 572 -3.20 -6.27 -25.74
C GLY A 572 -4.28 -6.00 -24.72
N CYS A 573 -3.89 -5.93 -23.43
CA CYS A 573 -4.83 -5.88 -22.30
C CYS A 573 -4.30 -5.08 -21.12
N VAL A 574 -5.17 -4.29 -20.50
CA VAL A 574 -4.77 -3.36 -19.48
C VAL A 574 -5.74 -3.52 -18.34
N ILE A 575 -5.24 -3.86 -17.13
CA ILE A 575 -6.19 -3.87 -15.99
C ILE A 575 -5.79 -2.78 -15.00
N ALA A 576 -6.64 -1.76 -14.80
CA ALA A 576 -6.23 -0.67 -13.90
C ALA A 576 -7.11 -0.74 -12.67
N GLN A 577 -6.53 -0.99 -11.52
CA GLN A 577 -7.33 -1.13 -10.27
C GLN A 577 -7.25 0.19 -9.52
N VAL A 578 -8.43 0.71 -9.14
CA VAL A 578 -8.56 1.89 -8.25
C VAL A 578 -7.59 3.03 -8.61
N GLY A 579 -7.59 3.36 -9.91
CA GLY A 579 -6.52 4.24 -10.44
C GLY A 579 -6.83 5.71 -10.23
N VAL A 580 -5.77 6.50 -10.10
CA VAL A 580 -5.89 7.95 -10.08
C VAL A 580 -5.89 8.40 -11.50
N MET A 581 -7.05 8.88 -11.99
CA MET A 581 -7.21 9.19 -13.42
C MET A 581 -7.37 10.67 -13.76
N ASP A 582 -7.92 11.47 -12.83
CA ASP A 582 -8.08 12.89 -13.05
C ASP A 582 -6.90 13.59 -12.33
N MET A 583 -5.83 13.90 -13.07
CA MET A 583 -4.64 14.42 -12.37
C MET A 583 -4.83 15.89 -12.14
N LEU A 584 -5.89 16.45 -12.72
CA LEU A 584 -6.11 17.88 -12.48
C LEU A 584 -6.92 18.10 -11.21
N LYS A 585 -7.68 17.11 -10.83
CA LYS A 585 -8.57 17.32 -9.70
C LYS A 585 -8.35 16.42 -8.49
N PHE A 586 -7.40 15.47 -8.57
CA PHE A 586 -7.18 14.49 -7.50
C PHE A 586 -7.06 15.16 -6.10
N HIS A 587 -6.50 16.36 -6.04
CA HIS A 587 -6.16 16.95 -4.74
C HIS A 587 -7.39 17.49 -4.00
N LYS A 588 -8.53 17.53 -4.68
CA LYS A 588 -9.75 18.08 -4.04
C LYS A 588 -10.50 17.09 -3.12
N TYR A 589 -10.17 15.80 -3.20
CA TYR A 589 -11.05 14.80 -2.59
C TYR A 589 -10.32 14.05 -1.47
N THR A 590 -11.10 13.65 -0.46
CA THR A 590 -10.62 12.97 0.76
C THR A 590 -9.15 13.28 1.07
N ILE A 591 -8.24 12.33 0.86
CA ILE A 591 -6.87 12.60 1.31
C ILE A 591 -5.95 12.98 0.10
N GLY A 592 -6.54 13.13 -1.11
CA GLY A 592 -5.71 13.37 -2.32
C GLY A 592 -4.77 14.57 -2.22
N HIS A 593 -5.08 15.55 -1.39
CA HIS A 593 -4.14 16.64 -1.23
C HIS A 593 -2.76 16.22 -0.78
N ALA A 594 -2.70 15.07 -0.11
CA ALA A 594 -1.42 14.60 0.34
C ALA A 594 -0.52 14.14 -0.79
N TRP A 595 -1.07 13.84 -1.99
CA TRP A 595 -0.25 13.28 -3.15
C TRP A 595 0.51 14.32 -4.01
N THR A 596 0.31 15.61 -3.73
CA THR A 596 0.92 16.70 -4.50
C THR A 596 2.43 16.66 -4.33
N THR A 597 2.96 15.91 -3.35
CA THR A 597 4.42 15.81 -3.16
C THR A 597 5.02 14.91 -4.23
N ASP A 598 4.21 13.99 -4.75
CA ASP A 598 4.67 13.18 -5.91
C ASP A 598 4.26 13.75 -7.24
N TYR A 599 3.06 14.30 -7.32
CA TYR A 599 2.48 14.66 -8.60
C TYR A 599 2.61 16.16 -8.94
N GLY A 600 2.65 17.02 -7.93
CA GLY A 600 2.31 18.40 -8.15
C GLY A 600 0.83 18.65 -7.98
N CYS A 601 0.41 19.89 -8.24
CA CYS A 601 -0.96 20.34 -7.99
C CYS A 601 -1.30 21.32 -9.13
N SER A 602 -2.41 21.09 -9.84
CA SER A 602 -2.81 21.88 -11.00
C SER A 602 -3.09 23.37 -10.70
N ASP A 603 -3.16 23.76 -9.41
CA ASP A 603 -3.27 25.16 -8.99
C ASP A 603 -2.04 25.98 -9.40
N SER A 604 -0.92 25.31 -9.64
CA SER A 604 0.29 26.00 -10.10
C SER A 604 0.41 25.80 -11.64
N LYS A 605 0.78 26.85 -12.37
CA LYS A 605 0.86 26.77 -13.83
C LYS A 605 1.97 25.81 -14.28
N GLN A 606 3.11 25.89 -13.61
CA GLN A 606 4.21 24.98 -13.82
C GLN A 606 3.76 23.51 -13.63
N HIS A 607 3.12 23.20 -12.51
CA HIS A 607 2.70 21.78 -12.33
C HIS A 607 1.65 21.31 -13.35
N PHE A 608 0.67 22.21 -13.60
CA PHE A 608 -0.39 22.02 -14.59
C PHE A 608 0.18 21.59 -15.95
N GLU A 609 1.29 22.18 -16.35
CA GLU A 609 1.90 21.87 -17.63
C GLU A 609 2.55 20.48 -17.64
N TRP A 610 3.04 20.00 -16.50
CA TRP A 610 3.44 18.59 -16.48
C TRP A 610 2.18 17.69 -16.51
N LEU A 611 1.22 17.98 -15.64
CA LEU A 611 0.07 17.04 -15.42
C LEU A 611 -0.79 16.83 -16.66
N ILE A 612 -1.05 17.91 -17.40
CA ILE A 612 -1.94 17.87 -18.57
C ILE A 612 -1.39 16.94 -19.68
N LYS A 613 -0.09 16.76 -19.75
CA LYS A 613 0.49 15.89 -20.80
C LYS A 613 0.30 14.42 -20.49
N TYR A 614 0.09 14.03 -19.22
CA TYR A 614 -0.06 12.60 -18.95
C TYR A 614 -1.36 12.18 -18.25
N SER A 615 -2.11 13.14 -17.69
CA SER A 615 -3.38 12.83 -16.97
C SER A 615 -4.22 11.89 -17.85
N PRO A 616 -4.53 10.67 -17.37
CA PRO A 616 -5.27 9.71 -18.19
C PRO A 616 -6.55 10.30 -18.67
N LEU A 617 -7.30 11.02 -17.82
CA LEU A 617 -8.59 11.56 -18.26
C LEU A 617 -8.48 12.55 -19.42
N HIS A 618 -7.31 13.19 -19.54
CA HIS A 618 -7.23 14.30 -20.50
C HIS A 618 -6.42 13.95 -21.74
N ASN A 619 -6.06 12.65 -21.84
CA ASN A 619 -5.21 12.18 -22.95
C ASN A 619 -5.77 10.97 -23.69
N VAL A 620 -7.10 10.75 -23.59
CA VAL A 620 -7.74 9.69 -24.37
C VAL A 620 -7.77 10.23 -25.81
N LYS A 621 -7.20 9.46 -26.73
CA LYS A 621 -7.19 9.88 -28.14
C LYS A 621 -7.20 8.66 -29.09
N LEU A 622 -8.06 8.72 -30.11
CA LEU A 622 -8.08 7.65 -31.09
C LEU A 622 -6.74 7.61 -31.75
N PRO A 623 -6.08 6.44 -31.79
CA PRO A 623 -4.77 6.38 -32.43
C PRO A 623 -4.96 6.83 -33.91
N GLU A 624 -4.00 7.62 -34.36
CA GLU A 624 -3.97 8.10 -35.73
C GLU A 624 -3.86 6.97 -36.75
N ALA A 625 -2.92 6.04 -36.54
CA ALA A 625 -2.67 4.91 -37.46
C ALA A 625 -3.92 4.04 -37.66
N ASP A 626 -4.30 3.84 -38.91
CA ASP A 626 -5.47 3.02 -39.19
C ASP A 626 -5.49 1.63 -38.56
N ASP A 627 -4.33 1.02 -38.38
CA ASP A 627 -4.36 -0.35 -37.89
C ASP A 627 -4.20 -0.53 -36.33
N ILE A 628 -4.19 0.58 -35.61
CA ILE A 628 -4.02 0.57 -34.17
C ILE A 628 -5.32 1.03 -33.50
N GLN A 629 -5.71 0.28 -32.48
CA GLN A 629 -6.84 0.61 -31.64
C GLN A 629 -6.36 0.55 -30.18
N TYR A 630 -7.24 0.89 -29.23
CA TYR A 630 -6.85 0.79 -27.82
C TYR A 630 -6.78 -0.69 -27.41
N PRO A 631 -5.92 -1.03 -26.43
CA PRO A 631 -5.97 -2.36 -25.84
C PRO A 631 -7.36 -2.61 -25.29
N SER A 632 -7.68 -3.88 -25.01
CA SER A 632 -8.81 -4.20 -24.15
C SER A 632 -8.53 -3.58 -22.76
N MET A 633 -9.53 -2.88 -22.18
CA MET A 633 -9.34 -2.27 -20.87
C MET A 633 -10.39 -2.61 -19.86
N LEU A 634 -9.94 -2.87 -18.65
CA LEU A 634 -10.82 -3.16 -17.52
C LEU A 634 -10.37 -2.28 -16.34
N LEU A 635 -11.27 -1.43 -15.84
CA LEU A 635 -11.04 -0.64 -14.63
C LEU A 635 -11.79 -1.32 -13.52
N LEU A 636 -11.12 -1.47 -12.37
CA LEU A 636 -11.80 -2.05 -11.19
C LEU A 636 -11.78 -1.04 -10.04
N THR A 637 -12.95 -0.78 -9.45
CA THR A 637 -13.00 0.13 -8.33
C THR A 637 -14.14 -0.33 -7.43
N ALA A 638 -14.39 0.38 -6.34
CA ALA A 638 -15.44 -0.03 -5.42
C ALA A 638 -16.04 1.21 -4.77
N ASP A 639 -17.29 1.13 -4.31
CA ASP A 639 -18.06 2.34 -3.96
C ASP A 639 -17.67 2.88 -2.58
N HIS A 640 -16.80 2.17 -1.85
CA HIS A 640 -16.33 2.80 -0.60
C HIS A 640 -14.85 3.11 -0.69
N ASP A 641 -14.32 3.24 -1.91
CA ASP A 641 -12.86 3.54 -2.02
C ASP A 641 -12.66 5.02 -1.76
N ASP A 642 -12.52 5.31 -0.48
CA ASP A 642 -12.31 6.67 -0.09
C ASP A 642 -10.81 7.10 -0.12
N ARG A 643 -9.92 6.15 -0.51
CA ARG A 643 -8.54 6.56 -0.67
C ARG A 643 -8.42 7.25 -2.03
N VAL A 644 -8.80 6.50 -3.10
CA VAL A 644 -8.84 7.07 -4.45
C VAL A 644 -10.33 7.12 -4.85
N VAL A 645 -10.97 8.26 -4.73
CA VAL A 645 -12.40 8.25 -4.91
C VAL A 645 -12.73 7.65 -6.34
N PRO A 646 -13.77 6.83 -6.40
CA PRO A 646 -14.10 6.12 -7.65
C PRO A 646 -14.53 7.02 -8.78
N LEU A 647 -14.96 8.24 -8.53
CA LEU A 647 -15.19 9.14 -9.67
C LEU A 647 -14.01 9.15 -10.64
N HIS A 648 -12.77 8.92 -10.15
CA HIS A 648 -11.67 8.88 -11.13
C HIS A 648 -11.92 7.90 -12.31
N SER A 649 -12.24 6.68 -11.93
CA SER A 649 -12.48 5.57 -12.85
C SER A 649 -13.78 5.80 -13.58
N LEU A 650 -14.79 6.35 -12.91
CA LEU A 650 -16.09 6.61 -13.59
C LEU A 650 -15.91 7.61 -14.74
N LYS A 651 -15.23 8.71 -14.46
CA LYS A 651 -15.09 9.70 -15.54
C LYS A 651 -14.20 9.16 -16.70
N PHE A 652 -13.20 8.37 -16.30
CA PHE A 652 -12.23 7.83 -17.23
C PHE A 652 -12.92 6.87 -18.21
N ILE A 653 -13.69 5.92 -17.67
CA ILE A 653 -14.44 5.03 -18.52
C ILE A 653 -15.49 5.72 -19.40
N ALA A 654 -16.21 6.70 -18.88
CA ALA A 654 -17.14 7.44 -19.72
C ALA A 654 -16.37 8.01 -20.95
N THR A 655 -15.15 8.43 -20.69
CA THR A 655 -14.40 9.17 -21.69
C THR A 655 -13.82 8.18 -22.74
N LEU A 656 -13.31 7.06 -22.23
CA LEU A 656 -12.85 5.97 -23.10
C LEU A 656 -14.00 5.53 -23.95
N GLN A 657 -15.17 5.30 -23.36
CA GLN A 657 -16.26 4.75 -24.18
C GLN A 657 -16.73 5.75 -25.21
N TYR A 658 -16.71 7.02 -24.85
CA TYR A 658 -17.22 7.99 -25.80
C TYR A 658 -16.20 8.24 -26.89
N ILE A 659 -14.93 8.49 -26.56
CA ILE A 659 -13.99 8.96 -27.57
C ILE A 659 -13.48 7.77 -28.39
N VAL A 660 -13.18 6.62 -27.71
CA VAL A 660 -12.53 5.51 -28.38
C VAL A 660 -13.61 4.41 -28.66
N GLY A 661 -14.39 4.05 -27.64
CA GLY A 661 -15.42 3.02 -27.78
C GLY A 661 -16.42 3.20 -28.95
N ARG A 662 -16.84 4.44 -29.25
CA ARG A 662 -17.77 4.73 -30.35
C ARG A 662 -17.16 4.49 -31.77
N SER A 663 -15.83 4.45 -31.88
CA SER A 663 -15.26 4.36 -33.21
C SER A 663 -15.38 2.98 -33.74
N ARG A 664 -15.58 2.94 -35.07
CA ARG A 664 -15.65 1.71 -35.78
C ARG A 664 -14.44 0.82 -35.67
N LYS A 665 -13.24 1.38 -35.69
CA LYS A 665 -12.03 0.51 -35.58
C LYS A 665 -11.84 -0.13 -34.19
N GLN A 666 -12.49 0.40 -33.15
CA GLN A 666 -12.28 -0.16 -31.82
C GLN A 666 -13.16 -1.42 -31.61
N ASN A 667 -12.54 -2.61 -31.53
CA ASN A 667 -13.26 -3.83 -31.18
C ASN A 667 -12.85 -4.44 -29.86
N ASN A 668 -11.76 -3.97 -29.29
CA ASN A 668 -11.36 -4.38 -27.89
C ASN A 668 -12.29 -3.71 -26.88
N PRO A 669 -12.80 -4.46 -25.91
CA PRO A 669 -13.71 -3.86 -24.92
C PRO A 669 -13.07 -2.89 -23.91
N LEU A 670 -13.90 -1.95 -23.38
CA LEU A 670 -13.42 -0.88 -22.46
C LEU A 670 -14.48 -0.87 -21.37
N LEU A 671 -14.16 -1.49 -20.22
CA LEU A 671 -15.16 -1.87 -19.26
C LEU A 671 -14.75 -1.40 -17.87
N ILE A 672 -15.73 -1.18 -17.03
CA ILE A 672 -15.44 -0.85 -15.65
C ILE A 672 -16.26 -1.84 -14.81
N HIS A 673 -15.69 -2.26 -13.67
CA HIS A 673 -16.53 -2.92 -12.66
C HIS A 673 -16.44 -2.14 -11.34
N VAL A 674 -17.59 -1.82 -10.75
CA VAL A 674 -17.61 -1.11 -9.46
C VAL A 674 -18.15 -2.06 -8.37
N ASP A 675 -17.32 -2.47 -7.42
CA ASP A 675 -17.81 -3.45 -6.40
C ASP A 675 -18.54 -2.70 -5.25
N THR A 676 -19.38 -3.40 -4.48
CA THR A 676 -20.04 -2.83 -3.36
C THR A 676 -19.39 -3.33 -2.09
N LYS A 677 -19.60 -2.61 -0.98
CA LYS A 677 -19.00 -3.02 0.31
C LYS A 677 -17.49 -3.25 0.28
N ALA A 678 -16.78 -2.45 -0.52
CA ALA A 678 -15.31 -2.60 -0.56
C ALA A 678 -14.73 -1.23 -0.89
N GLY A 679 -13.41 -1.09 -0.74
CA GLY A 679 -12.78 0.21 -0.81
C GLY A 679 -11.45 0.04 -1.49
N HIS A 680 -10.42 0.73 -1.01
CA HIS A 680 -9.20 0.79 -1.83
C HIS A 680 -8.46 -0.58 -1.97
N GLY A 681 -8.61 -1.46 -0.99
CA GLY A 681 -8.09 -2.81 -1.01
C GLY A 681 -7.75 -3.37 0.38
N ALA A 682 -7.24 -2.52 1.30
CA ALA A 682 -6.83 -3.05 2.60
C ALA A 682 -8.02 -3.65 3.37
N GLY A 683 -7.83 -4.81 3.99
CA GLY A 683 -8.91 -5.45 4.69
C GLY A 683 -10.02 -6.09 3.80
N LYS A 684 -9.88 -6.12 2.46
CA LYS A 684 -10.82 -6.85 1.59
C LYS A 684 -10.99 -8.32 2.00
N PRO A 685 -12.20 -8.86 2.20
CA PRO A 685 -12.33 -10.29 2.55
C PRO A 685 -11.83 -11.25 1.44
N THR A 686 -11.26 -12.35 1.91
CA THR A 686 -10.82 -13.37 1.01
C THR A 686 -11.88 -13.67 -0.11
N ALA A 687 -13.16 -13.70 0.20
CA ALA A 687 -14.16 -14.07 -0.83
C ALA A 687 -14.14 -13.04 -1.95
N LYS A 688 -13.97 -11.76 -1.58
CA LYS A 688 -13.93 -10.69 -2.63
C LYS A 688 -12.58 -10.71 -3.37
N VAL A 689 -11.51 -11.10 -2.68
CA VAL A 689 -10.22 -11.16 -3.35
C VAL A 689 -10.30 -12.18 -4.48
N ILE A 690 -10.89 -13.33 -4.15
CA ILE A 690 -11.02 -14.43 -5.10
C ILE A 690 -11.87 -14.02 -6.29
N GLU A 691 -12.96 -13.29 -6.03
CA GLU A 691 -13.83 -12.82 -7.10
C GLU A 691 -13.01 -11.85 -7.99
N GLU A 692 -12.27 -10.97 -7.33
CA GLU A 692 -11.52 -9.98 -8.09
C GLU A 692 -10.50 -10.60 -9.08
N VAL A 693 -9.65 -11.54 -8.60
CA VAL A 693 -8.61 -12.11 -9.48
C VAL A 693 -9.31 -12.99 -10.55
N SER A 694 -10.36 -13.69 -10.17
CA SER A 694 -11.17 -14.40 -11.14
C SER A 694 -11.61 -13.45 -12.27
N ASP A 695 -12.15 -12.26 -11.96
CA ASP A 695 -12.53 -11.30 -13.00
C ASP A 695 -11.34 -10.93 -13.88
N MET A 696 -10.21 -10.65 -13.23
CA MET A 696 -9.05 -10.12 -13.96
C MET A 696 -8.62 -11.14 -14.97
N PHE A 697 -8.42 -12.38 -14.49
CA PHE A 697 -7.86 -13.37 -15.39
C PHE A 697 -8.84 -13.94 -16.43
N ALA A 698 -10.15 -13.86 -16.10
CA ALA A 698 -11.19 -14.21 -17.11
C ALA A 698 -11.19 -13.11 -18.20
N PHE A 699 -11.09 -11.82 -17.81
CA PHE A 699 -10.94 -10.73 -18.79
C PHE A 699 -9.74 -10.98 -19.72
N ILE A 700 -8.60 -11.25 -19.11
CA ILE A 700 -7.42 -11.53 -19.90
C ILE A 700 -7.66 -12.72 -20.90
N ALA A 701 -8.11 -13.85 -20.36
CA ALA A 701 -8.31 -15.09 -21.13
C ALA A 701 -9.27 -14.91 -22.32
N ARG A 702 -10.39 -14.27 -22.05
CA ARG A 702 -11.37 -13.95 -23.08
C ARG A 702 -10.74 -12.94 -24.10
N CYS A 703 -10.10 -11.86 -23.60
CA CYS A 703 -9.63 -10.83 -24.56
C CYS A 703 -8.52 -11.36 -25.45
N LEU A 704 -7.62 -12.16 -24.88
CA LEU A 704 -6.51 -12.71 -25.66
C LEU A 704 -6.82 -14.09 -26.26
N ASN A 705 -8.02 -14.63 -25.99
CA ASN A 705 -8.37 -16.01 -26.42
C ASN A 705 -7.36 -17.04 -25.88
N ILE A 706 -7.09 -17.03 -24.58
CA ILE A 706 -6.15 -18.00 -24.00
C ILE A 706 -6.85 -19.29 -23.58
N ASP A 707 -6.36 -20.45 -24.05
CA ASP A 707 -6.81 -21.75 -23.62
C ASP A 707 -6.33 -22.06 -22.21
N TRP A 708 -7.22 -22.61 -21.41
CA TRP A 708 -6.86 -23.15 -20.11
C TRP A 708 -5.98 -24.39 -20.28
N ILE A 709 -4.97 -24.51 -19.44
CA ILE A 709 -4.04 -25.67 -19.43
C ILE A 709 -4.31 -26.35 -18.07
N PRO A 710 -5.08 -27.43 -18.11
CA PRO A 710 -5.43 -28.16 -16.87
C PRO A 710 -4.23 -28.61 -16.04
N GLU B 1 -0.69 5.03 6.64
CA GLU B 1 -0.41 5.39 5.19
C GLU B 1 -1.61 5.81 4.37
N PHE B 2 -1.41 6.88 3.62
CA PHE B 2 -2.51 7.56 2.96
C PHE B 2 -2.01 7.87 1.51
N SER B 3 -1.02 7.12 1.03
CA SER B 3 -0.61 7.17 -0.35
C SER B 3 -1.70 6.50 -1.22
N PRO B 4 -1.73 6.77 -2.53
CA PRO B 4 -2.67 6.08 -3.40
C PRO B 4 -2.08 4.73 -3.77
#